data_1MMZ
#
_entry.id   1MMZ
#
_cell.length_a   44.900
_cell.length_b   76.300
_cell.length_c   210.900
_cell.angle_alpha   90.00
_cell.angle_beta   90.00
_cell.angle_gamma   90.00
#
_symmetry.space_group_name_H-M   'P 21 21 21'
#
loop_
_entity.id
_entity.type
_entity.pdbx_description
1 polymer 'Aldose 1-epimerase'
2 non-polymer beta-L-arabinopyranose
3 non-polymer 'SODIUM ION'
4 water water
#
_entity_poly.entity_id   1
_entity_poly.type   'polypeptide(L)'
_entity_poly.pdbx_seq_one_letter_code
;MSIKIRDFGLGSDLISLTNKAGVTISFTNLGARIVDWQKDGKHLILGFDSAKEYLEKDAYPGATVGPTAGRIKDGLVKIS
GKDYILNQNEGPQTLHGGEESIHTKLWTYEVTDLGAEVQVKFSLVSNDGTNGYPGKIEMSVTHSFDDDNKWKIHYEAISD
KDTVFNPTGHVYFNLNGDASESVENHGLRLAASRFVPLKDQTEIVRGDIVDIKNTDLDFRQEKQLSNAFNSNMEQVQLVK
GIDHPFLLDQLGLDKEQARLTLDDTSISVFTDQPSIVIFTANFGDLGTLYHEKKQVHHGGITFECQVSPGSEQIPELGDI
SLKAGEKYQATTIYSLHTKLEHHHHHH
;
_entity_poly.pdbx_strand_id   A,B
#
loop_
_chem_comp.id
_chem_comp.type
_chem_comp.name
_chem_comp.formula
ARB L-saccharide, beta linking beta-L-arabinopyranose 'C5 H10 O5'
NA non-polymer 'SODIUM ION' 'Na 1'
#
# COMPACT_ATOMS: atom_id res chain seq x y z
N SER A 2 -24.97 -13.57 6.44
CA SER A 2 -23.78 -13.87 7.22
C SER A 2 -22.50 -13.26 6.60
N ILE A 3 -21.47 -13.07 7.41
CA ILE A 3 -20.20 -12.51 6.94
C ILE A 3 -19.12 -13.49 7.24
N LYS A 4 -18.21 -13.69 6.30
CA LYS A 4 -17.12 -14.58 6.60
C LYS A 4 -15.82 -14.00 6.07
N ILE A 5 -14.77 -14.01 6.89
CA ILE A 5 -13.46 -13.50 6.46
C ILE A 5 -12.35 -14.54 6.46
N ARG A 6 -11.59 -14.61 5.39
CA ARG A 6 -10.56 -15.60 5.43
C ARG A 6 -9.32 -15.13 4.68
N ASP A 7 -8.22 -15.82 4.93
CA ASP A 7 -7.01 -15.45 4.27
C ASP A 7 -7.18 -15.77 2.77
N PHE A 8 -6.82 -14.82 1.89
CA PHE A 8 -6.95 -15.00 0.46
C PHE A 8 -5.59 -15.16 -0.26
N GLY A 9 -4.53 -15.08 0.55
CA GLY A 9 -3.17 -15.22 0.07
C GLY A 9 -2.38 -13.93 0.04
N LEU A 10 -1.06 -14.05 0.22
CA LEU A 10 -0.14 -12.91 0.18
C LEU A 10 -0.47 -11.87 1.22
N GLY A 11 -1.23 -12.26 2.22
CA GLY A 11 -1.61 -11.29 3.23
C GLY A 11 -2.98 -10.67 2.97
N SER A 12 -3.55 -10.96 1.83
CA SER A 12 -4.87 -10.39 1.50
C SER A 12 -6.01 -11.16 2.16
N ASP A 13 -7.11 -10.49 2.31
CA ASP A 13 -8.28 -11.09 2.87
C ASP A 13 -9.38 -11.27 1.86
N LEU A 14 -10.24 -12.23 2.14
CA LEU A 14 -11.41 -12.46 1.35
C LEU A 14 -12.59 -12.27 2.27
N ILE A 15 -13.47 -11.35 1.93
CA ILE A 15 -14.63 -11.04 2.74
C ILE A 15 -15.87 -11.52 1.95
N SER A 16 -16.60 -12.50 2.49
CA SER A 16 -17.78 -13.06 1.81
C SER A 16 -19.06 -12.76 2.52
N LEU A 17 -19.99 -12.21 1.76
CA LEU A 17 -21.28 -11.84 2.30
C LEU A 17 -22.39 -12.65 1.67
N THR A 18 -23.22 -13.21 2.55
CA THR A 18 -24.38 -13.96 2.09
C THR A 18 -25.60 -13.26 2.63
N ASN A 19 -26.51 -12.86 1.77
CA ASN A 19 -27.68 -12.15 2.22
C ASN A 19 -28.81 -13.10 2.56
N LYS A 20 -29.94 -12.56 2.91
CA LYS A 20 -31.09 -13.38 3.27
C LYS A 20 -31.51 -14.37 2.19
N ALA A 21 -31.31 -13.97 0.93
CA ALA A 21 -31.69 -14.77 -0.22
C ALA A 21 -30.76 -15.92 -0.53
N GLY A 22 -29.68 -16.02 0.21
CA GLY A 22 -28.77 -17.11 -0.05
C GLY A 22 -27.78 -16.74 -1.14
N VAL A 23 -27.77 -15.50 -1.53
CA VAL A 23 -26.82 -15.12 -2.56
C VAL A 23 -25.52 -14.73 -1.89
N THR A 24 -24.42 -15.16 -2.51
CA THR A 24 -23.09 -14.90 -2.01
C THR A 24 -22.20 -13.97 -2.86
N ILE A 25 -21.69 -12.90 -2.26
CA ILE A 25 -20.78 -12.00 -2.99
C ILE A 25 -19.45 -11.94 -2.23
N SER A 26 -18.33 -11.93 -2.91
CA SER A 26 -17.13 -11.88 -2.12
C SER A 26 -16.11 -10.85 -2.63
N PHE A 27 -15.33 -10.24 -1.71
CA PHE A 27 -14.38 -9.22 -2.12
C PHE A 27 -13.05 -9.43 -1.49
N THR A 28 -12.07 -8.76 -2.09
CA THR A 28 -10.76 -8.83 -1.54
C THR A 28 -10.14 -7.44 -1.41
N ASN A 29 -9.29 -7.26 -0.38
CA ASN A 29 -8.68 -5.95 -0.18
C ASN A 29 -7.55 -5.72 -1.15
N LEU A 30 -7.19 -6.81 -1.87
CA LEU A 30 -6.19 -6.63 -2.89
C LEU A 30 -6.89 -5.91 -4.06
N GLY A 31 -6.71 -4.57 -4.14
CA GLY A 31 -7.31 -3.81 -5.22
C GLY A 31 -8.81 -3.52 -5.00
N ALA A 32 -9.32 -3.60 -3.74
CA ALA A 32 -10.76 -3.33 -3.42
C ALA A 32 -11.65 -3.92 -4.52
N ARG A 33 -11.56 -5.24 -4.65
CA ARG A 33 -12.19 -5.86 -5.74
C ARG A 33 -13.19 -6.95 -5.42
N ILE A 34 -14.07 -7.15 -6.38
CA ILE A 34 -15.06 -8.23 -6.31
C ILE A 34 -14.41 -9.48 -6.89
N VAL A 35 -14.50 -10.55 -6.13
CA VAL A 35 -13.91 -11.81 -6.55
C VAL A 35 -14.93 -12.79 -7.09
N ASP A 36 -16.07 -12.86 -6.43
CA ASP A 36 -17.10 -13.78 -6.86
C ASP A 36 -18.46 -13.25 -6.53
N TRP A 37 -19.43 -13.80 -7.23
CA TRP A 37 -20.81 -13.47 -7.07
C TRP A 37 -21.56 -14.69 -7.55
N GLN A 38 -22.18 -15.43 -6.61
CA GLN A 38 -22.86 -16.62 -7.07
C GLN A 38 -24.23 -16.89 -6.52
N LYS A 39 -24.98 -17.60 -7.34
CA LYS A 39 -26.32 -17.98 -7.01
C LYS A 39 -26.54 -19.42 -7.41
N ASP A 40 -27.10 -20.18 -6.47
CA ASP A 40 -27.40 -21.58 -6.67
C ASP A 40 -26.24 -22.25 -7.27
N GLY A 41 -25.11 -21.94 -6.65
CA GLY A 41 -23.82 -22.49 -7.00
C GLY A 41 -23.19 -22.06 -8.31
N LYS A 42 -23.74 -21.06 -8.98
CA LYS A 42 -23.15 -20.67 -10.22
C LYS A 42 -22.54 -19.30 -10.12
N HIS A 43 -21.36 -19.10 -10.71
CA HIS A 43 -20.74 -17.79 -10.70
C HIS A 43 -21.37 -16.92 -11.72
N LEU A 44 -21.55 -15.67 -11.37
CA LEU A 44 -22.13 -14.74 -12.33
C LEU A 44 -21.05 -13.87 -12.98
N ILE A 45 -19.90 -13.85 -12.34
CA ILE A 45 -18.79 -13.04 -12.79
C ILE A 45 -17.55 -13.88 -12.82
N LEU A 46 -16.51 -13.31 -13.44
CA LEU A 46 -15.22 -13.98 -13.54
C LEU A 46 -14.31 -13.66 -12.35
N GLY A 47 -13.57 -14.66 -11.92
CA GLY A 47 -12.69 -14.43 -10.80
C GLY A 47 -11.81 -15.61 -10.57
N PHE A 48 -10.79 -15.38 -9.76
CA PHE A 48 -9.77 -16.39 -9.43
C PHE A 48 -9.96 -16.96 -8.05
N ASP A 49 -9.12 -17.91 -7.74
CA ASP A 49 -9.26 -18.55 -6.46
C ASP A 49 -8.28 -18.11 -5.37
N SER A 50 -7.32 -17.23 -5.73
CA SER A 50 -6.38 -16.74 -4.76
C SER A 50 -5.79 -15.47 -5.24
N ALA A 51 -5.20 -14.75 -4.27
CA ALA A 51 -4.57 -13.49 -4.65
C ALA A 51 -3.47 -13.68 -5.71
N LYS A 52 -2.67 -14.71 -5.51
CA LYS A 52 -1.58 -14.94 -6.46
C LYS A 52 -2.01 -14.98 -7.93
N GLU A 53 -3.18 -15.57 -8.15
CA GLU A 53 -3.65 -15.70 -9.51
C GLU A 53 -3.90 -14.37 -10.17
N TYR A 54 -4.42 -13.46 -9.39
CA TYR A 54 -4.68 -12.17 -9.95
C TYR A 54 -3.39 -11.53 -10.37
N LEU A 55 -2.40 -11.65 -9.48
CA LEU A 55 -1.09 -11.04 -9.76
C LEU A 55 -0.36 -11.73 -10.88
N GLU A 56 -0.57 -13.02 -11.00
CA GLU A 56 0.13 -13.72 -12.06
C GLU A 56 -0.60 -13.74 -13.43
N LYS A 57 -1.92 -13.81 -13.38
CA LYS A 57 -2.71 -13.93 -14.55
C LYS A 57 -3.25 -12.62 -15.10
N ASP A 58 -4.02 -11.96 -14.31
CA ASP A 58 -4.58 -10.72 -14.79
C ASP A 58 -5.08 -10.03 -13.57
N ALA A 59 -4.51 -8.86 -13.32
CA ALA A 59 -4.80 -8.07 -12.15
C ALA A 59 -6.00 -7.18 -12.24
N TYR A 60 -6.62 -7.14 -13.42
CA TYR A 60 -7.75 -6.25 -13.60
C TYR A 60 -9.13 -6.70 -13.23
N PRO A 61 -9.44 -7.97 -13.48
CA PRO A 61 -10.80 -8.47 -13.19
C PRO A 61 -11.39 -8.16 -11.80
N GLY A 62 -12.55 -7.50 -11.77
CA GLY A 62 -13.20 -7.18 -10.48
C GLY A 62 -12.62 -5.98 -9.71
N ALA A 63 -11.45 -5.52 -10.14
CA ALA A 63 -10.76 -4.44 -9.44
C ALA A 63 -11.28 -3.04 -9.59
N THR A 64 -10.93 -2.26 -8.56
CA THR A 64 -11.12 -0.82 -8.57
C THR A 64 -9.91 -0.32 -9.35
N VAL A 65 -10.07 0.37 -10.50
CA VAL A 65 -8.91 0.84 -11.29
C VAL A 65 -8.92 2.35 -11.27
N GLY A 66 -7.75 2.94 -11.25
CA GLY A 66 -7.68 4.38 -11.19
C GLY A 66 -6.24 4.75 -10.93
N PRO A 67 -5.98 6.00 -10.60
CA PRO A 67 -6.99 7.07 -10.43
C PRO A 67 -7.84 7.43 -11.64
N THR A 68 -7.29 7.17 -12.83
CA THR A 68 -8.01 7.40 -14.03
C THR A 68 -8.22 6.10 -14.75
N ALA A 69 -9.46 5.76 -15.03
CA ALA A 69 -9.71 4.51 -15.74
C ALA A 69 -9.62 4.74 -17.26
N GLY A 70 -9.08 3.77 -17.96
CA GLY A 70 -8.97 3.89 -19.39
C GLY A 70 -7.61 4.36 -19.86
N ARG A 71 -7.52 4.68 -21.17
CA ARG A 71 -6.28 5.13 -21.79
C ARG A 71 -6.19 6.62 -21.94
N ILE A 72 -5.01 7.15 -21.54
CA ILE A 72 -4.77 8.58 -21.73
C ILE A 72 -3.65 8.73 -22.73
N LYS A 73 -3.98 9.33 -23.87
CA LYS A 73 -3.00 9.48 -24.90
C LYS A 73 -1.66 10.10 -24.49
N ASP A 74 -0.57 9.40 -24.82
CA ASP A 74 0.76 9.89 -24.51
C ASP A 74 0.98 10.12 -23.01
N GLY A 75 0.05 9.63 -22.17
CA GLY A 75 0.17 9.83 -20.72
C GLY A 75 0.06 11.29 -20.34
N LEU A 76 -0.43 12.12 -21.23
CA LEU A 76 -0.52 13.56 -20.99
C LEU A 76 -1.85 14.15 -20.55
N VAL A 77 -1.84 14.87 -19.40
CA VAL A 77 -3.00 15.60 -18.88
C VAL A 77 -2.58 17.05 -18.58
N LYS A 78 -3.53 17.97 -18.70
CA LYS A 78 -3.23 19.37 -18.42
C LYS A 78 -3.94 19.64 -17.12
N ILE A 79 -3.21 20.16 -16.16
CA ILE A 79 -3.76 20.48 -14.84
C ILE A 79 -3.45 21.93 -14.56
N SER A 80 -4.51 22.72 -14.38
CA SER A 80 -4.38 24.16 -14.15
C SER A 80 -3.46 24.81 -15.20
N GLY A 81 -3.66 24.45 -16.47
CA GLY A 81 -2.89 24.97 -17.59
C GLY A 81 -1.53 24.35 -17.70
N LYS A 82 -1.22 23.38 -16.84
CA LYS A 82 0.09 22.75 -16.90
C LYS A 82 0.06 21.31 -17.38
N ASP A 83 1.06 20.95 -18.15
CA ASP A 83 1.15 19.61 -18.67
C ASP A 83 1.81 18.71 -17.67
N TYR A 84 1.20 17.56 -17.48
CA TYR A 84 1.76 16.59 -16.60
C TYR A 84 1.85 15.26 -17.34
N ILE A 85 2.99 14.57 -17.20
CA ILE A 85 3.17 13.28 -17.81
C ILE A 85 3.05 12.18 -16.76
N LEU A 86 2.07 11.31 -16.94
CA LEU A 86 1.79 10.20 -16.04
C LEU A 86 2.57 8.98 -16.49
N ASN A 87 2.62 8.01 -15.61
CA ASN A 87 3.29 6.78 -15.89
C ASN A 87 2.73 6.15 -17.16
N GLN A 88 3.63 5.77 -18.05
CA GLN A 88 3.24 5.16 -19.32
C GLN A 88 3.44 3.64 -19.26
N ASN A 89 2.38 2.88 -19.39
CA ASN A 89 2.49 1.45 -19.23
C ASN A 89 1.90 0.68 -20.38
N GLU A 90 1.56 1.33 -21.46
CA GLU A 90 1.02 0.66 -22.62
C GLU A 90 1.47 1.49 -23.78
N GLY A 91 2.73 1.28 -24.13
CA GLY A 91 3.30 2.13 -25.14
C GLY A 91 3.38 3.49 -24.45
N PRO A 92 3.13 4.57 -25.16
CA PRO A 92 3.16 5.90 -24.56
C PRO A 92 1.86 6.23 -23.85
N GLN A 93 0.92 5.27 -23.80
CA GLN A 93 -0.31 5.59 -23.13
C GLN A 93 -0.23 5.25 -21.67
N THR A 94 -0.99 5.98 -20.90
CA THR A 94 -1.16 5.68 -19.50
C THR A 94 -2.48 4.90 -19.49
N LEU A 95 -2.46 3.60 -19.15
CA LEU A 95 -3.68 2.82 -19.12
C LEU A 95 -4.05 2.44 -17.69
N HIS A 96 -5.26 2.70 -17.29
CA HIS A 96 -5.69 2.35 -15.94
C HIS A 96 -4.80 2.86 -14.78
N GLY A 97 -4.33 4.10 -14.87
CA GLY A 97 -3.56 4.66 -13.79
C GLY A 97 -2.07 4.40 -13.85
N GLY A 98 -1.59 3.64 -14.84
CA GLY A 98 -0.13 3.38 -14.85
C GLY A 98 0.23 2.00 -14.25
N GLU A 99 1.51 1.69 -14.27
CA GLU A 99 1.96 0.42 -13.77
C GLU A 99 1.77 0.31 -12.27
N GLU A 100 1.61 -0.92 -11.80
CA GLU A 100 1.53 -1.17 -10.36
C GLU A 100 0.60 -0.19 -9.68
N SER A 101 -0.51 0.01 -10.27
CA SER A 101 -1.49 0.92 -9.74
C SER A 101 -2.33 0.44 -8.56
N ILE A 102 -3.39 1.20 -8.27
CA ILE A 102 -4.23 0.90 -7.11
C ILE A 102 -4.88 -0.45 -7.12
N HIS A 103 -5.00 -1.08 -8.27
CA HIS A 103 -5.58 -2.42 -8.32
C HIS A 103 -4.64 -3.50 -7.77
N THR A 104 -3.36 -3.16 -7.61
CA THR A 104 -2.37 -4.12 -7.11
C THR A 104 -1.96 -3.83 -5.67
N LYS A 105 -2.59 -2.88 -5.02
CA LYS A 105 -2.22 -2.57 -3.64
C LYS A 105 -3.23 -3.19 -2.66
N LEU A 106 -2.79 -3.39 -1.39
CA LEU A 106 -3.66 -3.93 -0.38
C LEU A 106 -4.24 -2.73 0.30
N TRP A 107 -5.55 -2.63 0.26
CA TRP A 107 -6.22 -1.50 0.83
C TRP A 107 -6.60 -1.87 2.25
N THR A 108 -6.74 -0.89 3.14
CA THR A 108 -7.21 -1.26 4.45
C THR A 108 -8.76 -1.28 4.33
N TYR A 109 -9.43 -1.93 5.28
CA TYR A 109 -10.89 -1.97 5.23
C TYR A 109 -11.56 -2.24 6.55
N GLU A 110 -12.83 -1.85 6.55
CA GLU A 110 -13.73 -2.00 7.66
C GLU A 110 -15.06 -2.46 7.19
N VAL A 111 -15.61 -3.40 7.96
CA VAL A 111 -16.90 -4.00 7.65
C VAL A 111 -17.98 -3.41 8.52
N THR A 112 -19.08 -3.05 7.93
CA THR A 112 -20.21 -2.52 8.67
C THR A 112 -21.47 -3.34 8.33
N ASP A 113 -22.01 -3.99 9.36
CA ASP A 113 -23.18 -4.83 9.23
C ASP A 113 -24.41 -4.08 9.63
N LEU A 114 -25.25 -3.80 8.64
CA LEU A 114 -26.47 -3.08 8.90
C LEU A 114 -27.72 -3.97 8.88
N GLY A 115 -27.48 -5.26 8.91
CA GLY A 115 -28.58 -6.19 8.88
C GLY A 115 -29.00 -6.48 7.46
N ALA A 116 -29.90 -5.68 6.94
CA ALA A 116 -30.35 -5.91 5.57
C ALA A 116 -29.27 -5.64 4.55
N GLU A 117 -28.39 -4.78 4.98
CA GLU A 117 -27.23 -4.39 4.19
C GLU A 117 -25.91 -4.54 4.94
N VAL A 118 -24.86 -4.88 4.20
CA VAL A 118 -23.54 -4.96 4.83
C VAL A 118 -22.58 -4.19 3.98
N GLN A 119 -21.79 -3.35 4.61
CA GLN A 119 -20.87 -2.57 3.86
C GLN A 119 -19.43 -2.93 4.16
N VAL A 120 -18.58 -2.82 3.16
CA VAL A 120 -17.16 -3.06 3.30
C VAL A 120 -16.51 -1.81 2.74
N LYS A 121 -15.87 -1.04 3.60
CA LYS A 121 -15.22 0.19 3.20
C LYS A 121 -13.71 0.03 3.05
N PHE A 122 -13.24 0.13 1.84
CA PHE A 122 -11.81 0.03 1.58
C PHE A 122 -11.21 1.42 1.49
N SER A 123 -9.99 1.61 2.02
CA SER A 123 -9.37 2.90 1.97
C SER A 123 -7.93 2.76 1.54
N LEU A 124 -7.47 3.78 0.84
CA LEU A 124 -6.12 3.84 0.37
C LEU A 124 -5.74 5.28 0.10
N VAL A 125 -4.46 5.55 0.39
CA VAL A 125 -3.92 6.89 0.12
C VAL A 125 -2.92 6.78 -1.01
N SER A 126 -3.18 7.57 -2.03
CA SER A 126 -2.31 7.70 -3.17
C SER A 126 -1.45 8.97 -2.86
N ASN A 127 -0.16 8.74 -2.61
CA ASN A 127 0.75 9.83 -2.24
C ASN A 127 0.89 10.80 -3.35
N ASP A 128 1.17 12.04 -2.99
CA ASP A 128 1.39 13.03 -4.02
C ASP A 128 2.55 12.57 -4.88
N GLY A 129 2.39 12.69 -6.20
CA GLY A 129 3.42 12.33 -7.17
C GLY A 129 3.38 10.89 -7.64
N THR A 130 2.59 10.08 -6.98
CA THR A 130 2.49 8.66 -7.36
C THR A 130 2.12 8.46 -8.81
N ASN A 131 3.02 7.86 -9.59
CA ASN A 131 2.77 7.62 -11.01
C ASN A 131 2.54 8.91 -11.80
N GLY A 132 2.96 10.04 -11.21
CA GLY A 132 2.85 11.32 -11.85
C GLY A 132 1.66 12.09 -11.45
N TYR A 133 0.78 11.48 -10.64
CA TYR A 133 -0.42 12.17 -10.24
C TYR A 133 -0.23 13.02 -9.00
N PRO A 134 -0.65 14.29 -9.06
CA PRO A 134 -0.58 15.21 -7.92
C PRO A 134 -1.53 14.71 -6.86
N GLY A 135 -1.17 14.91 -5.57
CA GLY A 135 -1.97 14.42 -4.46
C GLY A 135 -1.57 15.13 -3.21
N LYS A 136 -1.65 14.49 -2.04
CA LYS A 136 -2.13 13.17 -1.84
C LYS A 136 -3.63 13.09 -2.07
N ILE A 137 -4.06 11.91 -2.52
CA ILE A 137 -5.48 11.65 -2.75
C ILE A 137 -5.95 10.62 -1.71
N GLU A 138 -6.88 10.99 -0.85
CA GLU A 138 -7.32 9.98 0.05
C GLU A 138 -8.51 9.35 -0.59
N MET A 139 -8.46 8.05 -0.91
CA MET A 139 -9.59 7.40 -1.58
C MET A 139 -10.32 6.33 -0.76
N SER A 140 -11.62 6.18 -0.97
CA SER A 140 -12.38 5.14 -0.32
C SER A 140 -13.36 4.58 -1.34
N VAL A 141 -13.52 3.25 -1.31
CA VAL A 141 -14.46 2.58 -2.17
C VAL A 141 -15.25 1.71 -1.25
N THR A 142 -16.55 1.92 -1.23
CA THR A 142 -17.42 1.12 -0.39
C THR A 142 -18.24 0.17 -1.27
N HIS A 143 -18.02 -1.12 -1.08
CA HIS A 143 -18.78 -2.15 -1.75
C HIS A 143 -19.87 -2.58 -0.72
N SER A 144 -21.13 -2.59 -1.11
CA SER A 144 -22.15 -3.05 -0.17
C SER A 144 -23.08 -4.03 -0.90
N PHE A 145 -23.70 -4.92 -0.14
CA PHE A 145 -24.60 -5.95 -0.67
C PHE A 145 -25.80 -6.06 0.20
N ASP A 146 -26.98 -6.11 -0.42
CA ASP A 146 -28.14 -6.19 0.42
C ASP A 146 -29.08 -7.34 0.17
N ASP A 147 -30.07 -7.33 1.01
CA ASP A 147 -31.02 -8.37 0.85
C ASP A 147 -31.80 -8.30 -0.44
N ASP A 148 -31.77 -7.18 -1.14
CA ASP A 148 -32.52 -7.09 -2.40
C ASP A 148 -31.64 -7.47 -3.57
N ASN A 149 -30.52 -8.07 -3.24
CA ASN A 149 -29.61 -8.47 -4.29
C ASN A 149 -28.97 -7.32 -5.01
N LYS A 150 -28.87 -6.15 -4.33
CA LYS A 150 -28.21 -5.06 -5.01
C LYS A 150 -26.77 -4.93 -4.57
N TRP A 151 -25.85 -4.87 -5.55
CA TRP A 151 -24.43 -4.67 -5.25
C TRP A 151 -24.03 -3.23 -5.67
N LYS A 152 -23.80 -2.44 -4.66
CA LYS A 152 -23.49 -1.05 -4.84
C LYS A 152 -22.03 -0.69 -4.58
N ILE A 153 -21.49 0.16 -5.45
CA ILE A 153 -20.11 0.67 -5.35
C ILE A 153 -20.19 2.19 -5.20
N HIS A 154 -19.67 2.66 -4.09
CA HIS A 154 -19.68 4.08 -3.84
C HIS A 154 -18.26 4.56 -3.64
N TYR A 155 -17.86 5.47 -4.52
CA TYR A 155 -16.54 6.06 -4.43
C TYR A 155 -16.53 7.45 -3.81
N GLU A 156 -15.47 7.70 -3.08
CA GLU A 156 -15.22 8.98 -2.51
C GLU A 156 -13.72 9.27 -2.56
N ALA A 157 -13.37 10.55 -2.79
CA ALA A 157 -11.97 11.02 -2.77
C ALA A 157 -11.84 12.51 -2.47
N ILE A 158 -10.70 12.83 -1.88
CA ILE A 158 -10.31 14.20 -1.55
C ILE A 158 -8.83 14.28 -1.80
N SER A 159 -8.42 15.33 -2.50
CA SER A 159 -7.01 15.55 -2.84
C SER A 159 -6.48 16.83 -2.20
N ASP A 160 -5.19 16.80 -1.90
CA ASP A 160 -4.54 17.97 -1.34
C ASP A 160 -4.21 18.98 -2.44
N LYS A 161 -4.20 18.55 -3.69
CA LYS A 161 -3.87 19.39 -4.82
C LYS A 161 -4.75 19.10 -6.00
N ASP A 162 -4.88 20.09 -6.89
CA ASP A 162 -5.68 19.87 -8.08
C ASP A 162 -5.08 18.70 -8.78
N THR A 163 -5.95 17.84 -9.24
CA THR A 163 -5.47 16.65 -9.89
C THR A 163 -6.56 16.13 -10.85
N VAL A 164 -6.50 14.85 -11.23
CA VAL A 164 -7.48 14.22 -12.11
C VAL A 164 -8.03 13.03 -11.41
N PHE A 165 -9.31 12.73 -11.57
CA PHE A 165 -9.80 11.56 -10.87
C PHE A 165 -11.02 10.98 -11.55
N ASN A 166 -10.96 9.69 -11.94
CA ASN A 166 -12.06 9.04 -12.66
C ASN A 166 -11.93 7.55 -12.66
N PRO A 167 -12.11 6.97 -11.51
CA PRO A 167 -11.95 5.54 -11.36
C PRO A 167 -13.15 4.74 -11.88
N THR A 168 -12.98 3.42 -11.91
CA THR A 168 -14.07 2.53 -12.31
C THR A 168 -13.90 1.15 -11.70
N GLY A 169 -14.95 0.36 -11.75
CA GLY A 169 -14.94 -1.01 -11.25
C GLY A 169 -14.86 -1.91 -12.51
N HIS A 170 -13.93 -2.82 -12.50
CA HIS A 170 -13.68 -3.66 -13.64
C HIS A 170 -14.19 -5.12 -13.59
N VAL A 171 -15.37 -5.36 -13.00
CA VAL A 171 -15.92 -6.71 -12.96
C VAL A 171 -16.25 -7.15 -14.38
N TYR A 172 -16.07 -8.45 -14.66
CA TYR A 172 -16.43 -9.06 -15.93
C TYR A 172 -17.60 -10.01 -15.61
N PHE A 173 -18.69 -9.87 -16.33
CA PHE A 173 -19.81 -10.76 -16.12
C PHE A 173 -19.80 -11.92 -17.09
N ASN A 174 -20.33 -13.05 -16.67
CA ASN A 174 -20.46 -14.21 -17.55
C ASN A 174 -21.50 -15.10 -16.93
N LEU A 175 -22.72 -14.89 -17.36
CA LEU A 175 -23.85 -15.59 -16.84
C LEU A 175 -23.87 -17.04 -17.20
N ASN A 176 -22.91 -17.47 -18.01
CA ASN A 176 -22.78 -18.87 -18.37
C ASN A 176 -22.18 -19.57 -17.19
N GLY A 177 -21.55 -18.75 -16.33
CA GLY A 177 -20.89 -19.30 -15.15
C GLY A 177 -19.67 -20.13 -15.53
N ASP A 178 -19.11 -19.90 -16.69
CA ASP A 178 -17.98 -20.68 -17.16
C ASP A 178 -17.27 -19.86 -18.23
N ALA A 179 -15.96 -19.64 -18.06
CA ALA A 179 -15.15 -18.78 -18.98
C ALA A 179 -14.92 -19.32 -20.37
N SER A 180 -15.09 -20.62 -20.50
CA SER A 180 -14.89 -21.32 -21.75
C SER A 180 -16.09 -21.15 -22.68
N GLU A 181 -17.09 -20.42 -22.18
CA GLU A 181 -18.32 -20.12 -22.88
C GLU A 181 -18.58 -18.66 -23.19
N SER A 182 -18.63 -18.36 -24.48
CA SER A 182 -18.87 -17.01 -24.94
C SER A 182 -20.19 -16.36 -24.45
N VAL A 183 -20.12 -15.06 -24.26
CA VAL A 183 -21.27 -14.34 -23.81
C VAL A 183 -22.16 -13.93 -24.99
N GLU A 184 -21.81 -14.42 -26.16
CA GLU A 184 -22.57 -14.10 -27.37
C GLU A 184 -24.05 -14.46 -27.25
N ASN A 185 -24.34 -15.38 -26.35
CA ASN A 185 -25.71 -15.79 -26.12
C ASN A 185 -26.44 -14.86 -25.19
N HIS A 186 -25.74 -13.92 -24.54
CA HIS A 186 -26.43 -13.00 -23.67
C HIS A 186 -27.10 -11.91 -24.48
N GLY A 187 -28.18 -11.44 -23.94
CA GLY A 187 -28.90 -10.36 -24.56
C GLY A 187 -28.49 -9.10 -23.81
N LEU A 188 -28.40 -8.00 -24.52
CA LEU A 188 -28.02 -6.76 -23.91
C LEU A 188 -28.93 -5.61 -24.26
N ARG A 189 -29.24 -4.79 -23.30
CA ARG A 189 -30.00 -3.60 -23.60
C ARG A 189 -29.16 -2.47 -23.04
N LEU A 190 -29.05 -1.40 -23.78
CA LEU A 190 -28.23 -0.28 -23.35
C LEU A 190 -28.82 1.03 -23.83
N ALA A 191 -29.07 1.94 -22.86
CA ALA A 191 -29.66 3.27 -23.10
C ALA A 191 -28.69 4.34 -23.61
N ALA A 192 -28.07 4.05 -24.75
CA ALA A 192 -27.10 4.95 -25.34
C ALA A 192 -27.31 5.02 -26.85
N SER A 193 -27.28 6.23 -27.36
CA SER A 193 -27.47 6.39 -28.81
C SER A 193 -26.18 6.74 -29.49
N ARG A 194 -25.13 7.00 -28.72
CA ARG A 194 -23.82 7.38 -29.26
C ARG A 194 -22.68 6.61 -28.62
N PHE A 195 -21.59 6.60 -29.36
CA PHE A 195 -20.38 5.99 -28.89
C PHE A 195 -19.18 6.79 -29.38
N VAL A 196 -18.01 6.42 -28.85
CA VAL A 196 -16.72 7.01 -29.13
C VAL A 196 -15.83 5.99 -29.81
N PRO A 197 -15.57 6.21 -31.10
CA PRO A 197 -14.76 5.33 -31.90
C PRO A 197 -13.28 5.47 -31.57
N LEU A 198 -12.59 4.37 -31.79
CA LEU A 198 -11.19 4.31 -31.51
C LEU A 198 -10.34 4.65 -32.74
N LYS A 199 -9.20 5.29 -32.54
CA LYS A 199 -8.37 5.65 -33.68
C LYS A 199 -7.85 4.43 -34.45
N ASP A 200 -7.30 3.53 -33.72
CA ASP A 200 -6.72 2.35 -34.28
C ASP A 200 -6.43 1.37 -33.18
N GLN A 201 -5.58 0.39 -33.51
CA GLN A 201 -5.19 -0.66 -32.58
C GLN A 201 -4.55 -0.19 -31.27
N THR A 202 -4.14 1.05 -31.19
CA THR A 202 -3.59 1.54 -29.95
C THR A 202 -4.72 1.85 -28.99
N GLU A 203 -5.95 1.91 -29.55
CA GLU A 203 -7.13 2.13 -28.76
C GLU A 203 -7.29 3.50 -28.16
N ILE A 204 -6.56 4.48 -28.68
CA ILE A 204 -6.74 5.82 -28.22
C ILE A 204 -7.98 6.33 -28.97
N VAL A 205 -8.66 7.35 -28.48
CA VAL A 205 -9.83 7.78 -29.19
C VAL A 205 -9.51 8.36 -30.54
N ARG A 206 -10.45 8.17 -31.40
CA ARG A 206 -10.34 8.68 -32.74
C ARG A 206 -10.49 10.22 -32.82
N GLY A 207 -11.39 10.79 -32.04
CA GLY A 207 -11.54 12.24 -32.08
C GLY A 207 -12.99 12.72 -32.17
N ASP A 208 -13.85 11.84 -32.68
CA ASP A 208 -15.26 12.16 -32.87
C ASP A 208 -16.23 11.34 -32.03
N ILE A 209 -17.47 11.79 -32.06
CA ILE A 209 -18.54 11.12 -31.36
C ILE A 209 -19.48 10.68 -32.44
N VAL A 210 -19.82 9.39 -32.45
CA VAL A 210 -20.66 8.83 -33.49
C VAL A 210 -22.06 8.35 -33.08
N ASP A 211 -23.04 8.68 -33.89
CA ASP A 211 -24.41 8.24 -33.68
C ASP A 211 -24.48 6.76 -34.08
N ILE A 212 -24.99 5.93 -33.16
CA ILE A 212 -25.10 4.50 -33.38
C ILE A 212 -26.50 4.02 -33.63
N LYS A 213 -27.45 4.93 -33.58
CA LYS A 213 -28.80 4.51 -33.84
C LYS A 213 -28.91 3.71 -35.12
N ASN A 214 -29.61 2.60 -35.02
CA ASN A 214 -29.85 1.72 -36.15
C ASN A 214 -28.60 1.09 -36.78
N THR A 215 -27.65 0.72 -35.93
CA THR A 215 -26.43 0.07 -36.38
C THR A 215 -26.26 -1.19 -35.55
N ASP A 216 -25.24 -2.00 -35.86
CA ASP A 216 -25.09 -3.22 -35.10
C ASP A 216 -24.84 -2.96 -33.64
N LEU A 217 -24.59 -1.71 -33.33
CA LEU A 217 -24.32 -1.39 -31.96
C LEU A 217 -25.45 -0.68 -31.29
N ASP A 218 -26.62 -0.72 -31.85
CA ASP A 218 -27.66 -0.04 -31.18
C ASP A 218 -28.36 -1.04 -30.29
N PHE A 219 -28.30 -0.86 -28.97
CA PHE A 219 -28.89 -1.83 -28.07
C PHE A 219 -29.97 -1.22 -27.30
N ARG A 220 -30.45 -0.11 -27.83
CA ARG A 220 -31.50 0.59 -27.15
C ARG A 220 -32.67 -0.35 -26.89
N GLN A 221 -32.78 -1.34 -27.76
CA GLN A 221 -33.79 -2.38 -27.70
C GLN A 221 -33.02 -3.67 -27.48
N GLU A 222 -33.39 -4.43 -26.46
CA GLU A 222 -32.65 -5.66 -26.16
C GLU A 222 -32.28 -6.45 -27.42
N LYS A 223 -31.02 -6.88 -27.48
CA LYS A 223 -30.51 -7.70 -28.55
C LYS A 223 -29.42 -8.66 -28.11
N GLN A 224 -29.24 -9.73 -28.88
CA GLN A 224 -28.25 -10.70 -28.56
C GLN A 224 -26.88 -10.22 -28.99
N LEU A 225 -25.92 -10.50 -28.14
CA LEU A 225 -24.55 -10.09 -28.40
C LEU A 225 -23.96 -10.61 -29.68
N SER A 226 -24.39 -11.77 -30.10
CA SER A 226 -23.85 -12.33 -31.35
C SER A 226 -23.99 -11.35 -32.48
N ASN A 227 -25.00 -10.54 -32.41
CA ASN A 227 -25.18 -9.57 -33.46
C ASN A 227 -23.98 -8.71 -33.62
N ALA A 228 -23.70 -7.99 -32.56
CA ALA A 228 -22.58 -7.09 -32.56
C ALA A 228 -21.35 -7.86 -32.95
N PHE A 229 -21.22 -9.02 -32.36
CA PHE A 229 -20.08 -9.86 -32.65
C PHE A 229 -19.98 -10.24 -34.10
N ASN A 230 -21.07 -10.37 -34.83
CA ASN A 230 -20.92 -10.79 -36.22
C ASN A 230 -20.99 -9.65 -37.16
N SER A 231 -20.92 -8.47 -36.60
CA SER A 231 -20.97 -7.26 -37.38
C SER A 231 -19.70 -7.04 -38.20
N ASN A 232 -19.91 -6.30 -39.27
CA ASN A 232 -18.83 -5.92 -40.15
C ASN A 232 -18.42 -4.44 -40.01
N MET A 233 -19.10 -3.71 -39.10
CA MET A 233 -18.75 -2.35 -38.82
C MET A 233 -17.24 -2.30 -38.61
N GLU A 234 -16.55 -1.35 -39.23
CA GLU A 234 -15.12 -1.35 -39.01
C GLU A 234 -14.72 -1.27 -37.53
N GLN A 235 -15.51 -0.58 -36.72
CA GLN A 235 -15.13 -0.45 -35.30
C GLN A 235 -15.12 -1.81 -34.60
N VAL A 236 -16.06 -2.69 -34.97
CA VAL A 236 -16.16 -4.05 -34.40
C VAL A 236 -15.01 -4.87 -34.91
N GLN A 237 -14.78 -4.69 -36.19
CA GLN A 237 -13.71 -5.41 -36.80
C GLN A 237 -12.34 -4.98 -36.28
N LEU A 238 -12.23 -3.73 -35.87
CA LEU A 238 -10.97 -3.19 -35.37
C LEU A 238 -10.41 -3.89 -34.11
N VAL A 239 -11.32 -4.15 -33.17
CA VAL A 239 -10.96 -4.75 -31.87
C VAL A 239 -11.41 -6.19 -31.73
N LYS A 240 -12.20 -6.64 -32.71
CA LYS A 240 -12.71 -7.99 -32.72
C LYS A 240 -13.74 -8.20 -31.62
N GLY A 241 -14.65 -7.27 -31.51
CA GLY A 241 -15.66 -7.34 -30.49
C GLY A 241 -15.99 -5.92 -30.14
N ILE A 242 -16.25 -5.64 -28.85
CA ILE A 242 -16.53 -4.29 -28.41
C ILE A 242 -15.47 -3.93 -27.39
N ASP A 243 -15.05 -2.68 -27.41
CA ASP A 243 -14.06 -2.15 -26.49
C ASP A 243 -14.20 -0.66 -26.62
N HIS A 244 -15.40 -0.13 -26.27
CA HIS A 244 -15.74 1.24 -26.46
C HIS A 244 -16.59 1.87 -25.42
N PRO A 245 -16.45 3.21 -25.37
CA PRO A 245 -17.25 4.04 -24.49
C PRO A 245 -18.60 4.37 -25.14
N PHE A 246 -19.66 4.09 -24.44
CA PHE A 246 -20.99 4.39 -24.94
C PHE A 246 -21.50 5.56 -24.19
N LEU A 247 -22.10 6.53 -24.85
CA LEU A 247 -22.62 7.67 -24.09
C LEU A 247 -24.10 7.49 -23.71
N LEU A 248 -24.39 7.53 -22.43
CA LEU A 248 -25.72 7.36 -21.92
C LEU A 248 -26.63 8.51 -22.38
N ASP A 249 -27.83 8.18 -22.81
CA ASP A 249 -28.75 9.23 -23.24
C ASP A 249 -29.30 10.11 -22.12
N GLN A 250 -29.67 9.47 -21.00
CA GLN A 250 -30.23 10.16 -19.82
C GLN A 250 -29.40 9.87 -18.59
N LEU A 251 -28.94 10.91 -17.92
CA LEU A 251 -28.14 10.73 -16.76
C LEU A 251 -28.95 10.63 -15.50
N GLY A 252 -28.40 9.95 -14.49
CA GLY A 252 -29.11 9.81 -13.23
C GLY A 252 -29.15 8.40 -12.74
N LEU A 253 -29.03 8.26 -11.43
CA LEU A 253 -28.99 6.98 -10.74
C LEU A 253 -30.30 6.17 -10.75
N ASP A 254 -31.42 6.83 -10.97
CA ASP A 254 -32.69 6.13 -10.96
C ASP A 254 -33.00 5.38 -12.25
N LYS A 255 -32.24 5.62 -13.29
CA LYS A 255 -32.50 4.99 -14.54
C LYS A 255 -31.72 3.73 -14.78
N GLU A 256 -32.41 2.68 -15.20
CA GLU A 256 -31.71 1.44 -15.52
C GLU A 256 -31.00 1.74 -16.83
N GLN A 257 -29.68 1.75 -16.77
CA GLN A 257 -28.89 2.15 -17.93
C GLN A 257 -28.59 1.03 -18.87
N ALA A 258 -28.51 -0.17 -18.30
CA ALA A 258 -28.18 -1.31 -19.11
C ALA A 258 -28.70 -2.52 -18.44
N ARG A 259 -28.83 -3.58 -19.23
CA ARG A 259 -29.28 -4.83 -18.70
C ARG A 259 -28.72 -5.98 -19.47
N LEU A 260 -28.11 -6.90 -18.74
CA LEU A 260 -27.50 -8.10 -19.28
C LEU A 260 -28.40 -9.27 -18.90
N THR A 261 -28.87 -10.03 -19.91
CA THR A 261 -29.79 -11.13 -19.64
C THR A 261 -29.37 -12.42 -20.27
N LEU A 262 -29.59 -13.47 -19.52
CA LEU A 262 -29.36 -14.83 -19.99
C LEU A 262 -30.42 -15.68 -19.35
N ASP A 263 -31.39 -16.10 -20.14
CA ASP A 263 -32.46 -16.93 -19.63
C ASP A 263 -33.27 -16.25 -18.53
N ASP A 264 -33.33 -16.88 -17.36
CA ASP A 264 -34.05 -16.40 -16.20
C ASP A 264 -33.37 -15.30 -15.41
N THR A 265 -32.08 -15.24 -15.63
CA THR A 265 -31.19 -14.38 -14.91
C THR A 265 -30.79 -13.08 -15.58
N SER A 266 -30.98 -11.99 -14.86
CA SER A 266 -30.63 -10.69 -15.44
C SER A 266 -29.91 -9.73 -14.47
N ILE A 267 -28.97 -8.94 -15.04
CA ILE A 267 -28.17 -7.92 -14.32
C ILE A 267 -28.50 -6.55 -14.87
N SER A 268 -28.97 -5.68 -13.99
CA SER A 268 -29.30 -4.32 -14.31
C SER A 268 -28.22 -3.40 -13.79
N VAL A 269 -27.86 -2.41 -14.59
CA VAL A 269 -26.82 -1.47 -14.20
C VAL A 269 -27.37 -0.06 -13.97
N PHE A 270 -27.03 0.54 -12.83
CA PHE A 270 -27.44 1.92 -12.55
C PHE A 270 -26.18 2.73 -12.22
N THR A 271 -26.08 4.00 -12.61
CA THR A 271 -24.89 4.78 -12.26
C THR A 271 -25.16 6.26 -12.34
N ASP A 272 -24.31 7.03 -11.67
CA ASP A 272 -24.50 8.46 -11.80
C ASP A 272 -23.48 9.02 -12.79
N GLN A 273 -22.79 8.08 -13.44
CA GLN A 273 -21.79 8.40 -14.43
C GLN A 273 -22.40 8.55 -15.82
N PRO A 274 -21.74 9.31 -16.67
CA PRO A 274 -22.23 9.59 -18.01
C PRO A 274 -21.91 8.56 -19.06
N SER A 275 -20.98 7.70 -18.77
CA SER A 275 -20.64 6.75 -19.79
C SER A 275 -20.40 5.36 -19.23
N ILE A 276 -20.47 4.39 -20.12
CA ILE A 276 -20.19 3.02 -19.79
C ILE A 276 -19.28 2.49 -20.86
N VAL A 277 -18.11 2.06 -20.45
CA VAL A 277 -17.19 1.47 -21.36
C VAL A 277 -17.47 -0.03 -21.37
N ILE A 278 -17.67 -0.59 -22.56
CA ILE A 278 -17.96 -2.00 -22.62
C ILE A 278 -16.86 -2.76 -23.27
N PHE A 279 -16.32 -3.74 -22.58
CA PHE A 279 -15.25 -4.54 -23.19
C PHE A 279 -15.66 -6.00 -23.11
N THR A 280 -15.62 -6.68 -24.25
CA THR A 280 -16.06 -8.08 -24.35
C THR A 280 -14.97 -9.14 -24.35
N ALA A 281 -13.96 -8.96 -23.52
CA ALA A 281 -12.90 -9.95 -23.40
C ALA A 281 -12.43 -10.51 -24.73
N ASN A 282 -11.98 -9.60 -25.57
CA ASN A 282 -11.50 -9.96 -26.90
C ASN A 282 -10.08 -10.50 -26.89
N PHE A 283 -9.81 -11.49 -26.04
CA PHE A 283 -8.45 -12.05 -25.89
C PHE A 283 -7.98 -13.11 -26.89
N GLY A 284 -8.79 -13.41 -27.87
CA GLY A 284 -8.40 -14.42 -28.83
C GLY A 284 -8.13 -15.76 -28.14
N ASP A 285 -6.98 -16.30 -28.45
CA ASP A 285 -6.50 -17.59 -27.99
C ASP A 285 -5.77 -17.50 -26.70
N LEU A 286 -5.73 -16.31 -26.12
CA LEU A 286 -5.01 -16.19 -24.86
C LEU A 286 -5.31 -17.35 -23.91
N GLY A 287 -6.58 -17.68 -23.68
CA GLY A 287 -6.92 -18.81 -22.83
C GLY A 287 -6.57 -18.69 -21.36
N THR A 288 -6.76 -17.51 -20.76
CA THR A 288 -6.51 -17.39 -19.33
C THR A 288 -7.41 -18.40 -18.57
N LEU A 289 -6.84 -19.04 -17.57
CA LEU A 289 -7.56 -20.02 -16.79
C LEU A 289 -8.36 -19.50 -15.62
N TYR A 290 -9.63 -19.75 -15.69
CA TYR A 290 -10.55 -19.35 -14.63
C TYR A 290 -11.26 -20.58 -14.12
N HIS A 291 -10.89 -20.92 -12.88
CA HIS A 291 -11.45 -22.07 -12.18
C HIS A 291 -11.16 -23.30 -13.00
N GLU A 292 -9.93 -23.32 -13.49
CA GLU A 292 -9.50 -24.43 -14.24
C GLU A 292 -10.09 -24.45 -15.65
N LYS A 293 -10.90 -23.47 -15.96
CA LYS A 293 -11.48 -23.35 -17.29
C LYS A 293 -10.76 -22.33 -18.18
N LYS A 294 -10.41 -22.75 -19.39
CA LYS A 294 -9.71 -21.86 -20.30
C LYS A 294 -10.61 -20.82 -20.92
N GLN A 295 -10.30 -19.56 -20.70
CA GLN A 295 -11.16 -18.54 -21.24
C GLN A 295 -11.19 -18.44 -22.76
N VAL A 296 -12.34 -18.17 -23.25
CA VAL A 296 -12.47 -18.00 -24.67
C VAL A 296 -12.63 -16.54 -25.05
N HIS A 297 -12.32 -16.27 -26.32
CA HIS A 297 -12.52 -14.96 -26.87
C HIS A 297 -13.99 -14.60 -26.64
N HIS A 298 -14.29 -13.45 -26.03
CA HIS A 298 -15.66 -13.09 -25.75
C HIS A 298 -16.25 -13.79 -24.56
N GLY A 299 -15.36 -14.41 -23.79
CA GLY A 299 -15.79 -15.11 -22.58
C GLY A 299 -16.01 -14.19 -21.39
N GLY A 300 -16.42 -12.96 -21.62
CA GLY A 300 -16.69 -12.03 -20.52
C GLY A 300 -17.13 -10.69 -21.05
N ILE A 301 -17.71 -9.83 -20.21
CA ILE A 301 -18.10 -8.47 -20.64
C ILE A 301 -18.09 -7.53 -19.47
N THR A 302 -17.57 -6.33 -19.67
CA THR A 302 -17.55 -5.36 -18.57
C THR A 302 -18.56 -4.29 -18.76
N PHE A 303 -18.83 -3.55 -17.68
CA PHE A 303 -19.67 -2.37 -17.68
C PHE A 303 -18.90 -1.37 -16.83
N GLU A 304 -17.92 -0.72 -17.40
CA GLU A 304 -17.08 0.23 -16.68
C GLU A 304 -17.72 1.60 -16.67
N CYS A 305 -18.41 1.93 -15.59
CA CYS A 305 -19.09 3.22 -15.55
C CYS A 305 -18.12 4.30 -15.12
N GLN A 306 -18.03 5.34 -15.89
CA GLN A 306 -17.13 6.44 -15.58
C GLN A 306 -17.33 7.54 -16.62
N VAL A 307 -16.49 8.57 -16.55
CA VAL A 307 -16.49 9.62 -17.53
C VAL A 307 -15.68 8.98 -18.64
N SER A 308 -16.19 9.08 -19.86
CA SER A 308 -15.56 8.46 -21.01
C SER A 308 -14.09 8.81 -21.13
N PRO A 309 -13.29 7.82 -21.50
CA PRO A 309 -11.90 8.12 -21.75
C PRO A 309 -11.83 9.02 -23.00
N GLY A 310 -10.73 9.73 -23.17
CA GLY A 310 -10.53 10.56 -24.34
C GLY A 310 -10.95 12.01 -24.22
N SER A 311 -11.32 12.44 -23.01
CA SER A 311 -11.75 13.82 -22.79
C SER A 311 -10.61 14.78 -22.99
N GLU A 312 -9.40 14.23 -22.98
CA GLU A 312 -8.23 15.06 -23.22
C GLU A 312 -8.29 15.61 -24.63
N GLN A 313 -8.86 14.82 -25.57
CA GLN A 313 -8.97 15.24 -26.99
C GLN A 313 -10.37 15.70 -27.37
N ILE A 314 -11.39 15.27 -26.62
CA ILE A 314 -12.82 15.58 -26.90
C ILE A 314 -13.47 16.05 -25.62
N PRO A 315 -13.29 17.33 -25.36
CA PRO A 315 -13.78 17.98 -24.16
C PRO A 315 -15.27 17.88 -23.92
N GLU A 316 -16.03 17.64 -24.99
CA GLU A 316 -17.45 17.49 -24.84
C GLU A 316 -17.73 16.30 -23.94
N LEU A 317 -16.79 15.35 -23.91
CA LEU A 317 -16.99 14.18 -23.10
C LEU A 317 -17.08 14.51 -21.66
N GLY A 318 -16.47 15.59 -21.27
CA GLY A 318 -16.50 15.90 -19.87
C GLY A 318 -15.14 16.34 -19.36
N ASP A 319 -15.07 16.40 -18.05
CA ASP A 319 -13.86 16.85 -17.39
C ASP A 319 -13.56 16.07 -16.15
N ILE A 320 -12.39 15.43 -16.14
CA ILE A 320 -12.09 14.64 -14.97
C ILE A 320 -11.29 15.35 -13.89
N SER A 321 -11.22 16.67 -13.96
CA SER A 321 -10.41 17.34 -12.94
C SER A 321 -10.99 17.26 -11.56
N LEU A 322 -10.10 17.28 -10.60
CA LEU A 322 -10.52 17.25 -9.21
C LEU A 322 -9.72 18.35 -8.54
N LYS A 323 -10.41 19.41 -8.11
CA LYS A 323 -9.71 20.51 -7.45
C LYS A 323 -9.44 20.22 -5.98
N ALA A 324 -8.32 20.80 -5.51
CA ALA A 324 -7.93 20.65 -4.12
C ALA A 324 -9.10 20.94 -3.19
N GLY A 325 -9.31 20.03 -2.27
CA GLY A 325 -10.38 20.17 -1.28
C GLY A 325 -11.75 19.78 -1.76
N GLU A 326 -11.96 19.55 -3.06
CA GLU A 326 -13.32 19.17 -3.44
C GLU A 326 -13.52 17.71 -3.18
N LYS A 327 -14.73 17.33 -2.78
CA LYS A 327 -14.98 15.93 -2.53
C LYS A 327 -15.55 15.19 -3.74
N TYR A 328 -14.85 14.18 -4.19
CA TYR A 328 -15.34 13.44 -5.32
C TYR A 328 -16.25 12.34 -4.83
N GLN A 329 -17.35 12.14 -5.55
CA GLN A 329 -18.32 11.10 -5.24
C GLN A 329 -18.84 10.44 -6.49
N ALA A 330 -18.96 9.12 -6.47
CA ALA A 330 -19.48 8.33 -7.59
C ALA A 330 -20.21 7.11 -7.06
N THR A 331 -21.23 6.70 -7.81
CA THR A 331 -22.00 5.56 -7.41
C THR A 331 -22.43 4.73 -8.58
N THR A 332 -22.23 3.44 -8.43
CA THR A 332 -22.60 2.46 -9.45
C THR A 332 -23.25 1.26 -8.78
N ILE A 333 -24.36 0.80 -9.35
CA ILE A 333 -25.09 -0.33 -8.83
C ILE A 333 -25.35 -1.47 -9.81
N TYR A 334 -25.08 -2.69 -9.32
CA TYR A 334 -25.33 -3.87 -10.14
C TYR A 334 -26.42 -4.61 -9.41
N SER A 335 -27.57 -4.64 -10.01
CA SER A 335 -28.70 -5.30 -9.39
C SER A 335 -29.00 -6.62 -10.05
N LEU A 336 -29.17 -7.66 -9.27
CA LEU A 336 -29.45 -9.02 -9.76
C LEU A 336 -30.93 -9.43 -9.66
N HIS A 337 -31.47 -9.96 -10.75
CA HIS A 337 -32.84 -10.43 -10.76
C HIS A 337 -32.98 -11.83 -11.36
N THR A 338 -34.01 -12.52 -10.88
CA THR A 338 -34.34 -13.86 -11.36
C THR A 338 -35.83 -14.00 -11.67
N LYS A 339 -36.13 -14.32 -12.94
CA LYS A 339 -37.50 -14.47 -13.36
C LYS A 339 -38.16 -15.67 -12.75
N LEU A 340 -39.46 -15.50 -12.44
CA LEU A 340 -40.25 -16.56 -11.82
C LEU A 340 -41.19 -17.27 -12.82
N SER B 2 6.68 -22.70 15.97
CA SER B 2 5.30 -22.60 15.51
C SER B 2 5.04 -21.24 14.93
N ILE B 3 4.13 -21.20 13.94
CA ILE B 3 3.72 -20.00 13.26
C ILE B 3 2.24 -19.91 13.39
N LYS B 4 1.76 -18.76 13.81
CA LYS B 4 0.36 -18.56 13.93
C LYS B 4 0.06 -17.27 13.22
N ILE B 5 -1.14 -17.16 12.68
CA ILE B 5 -1.60 -15.94 12.00
C ILE B 5 -3.05 -15.61 12.28
N ARG B 6 -3.33 -14.30 12.44
CA ARG B 6 -4.69 -13.88 12.68
C ARG B 6 -4.86 -12.46 12.20
N ASP B 7 -6.11 -12.03 12.06
CA ASP B 7 -6.34 -10.68 11.65
C ASP B 7 -5.87 -9.75 12.77
N PHE B 8 -5.31 -8.60 12.43
CA PHE B 8 -4.81 -7.66 13.45
C PHE B 8 -5.57 -6.35 13.48
N GLY B 9 -6.50 -6.22 12.53
CA GLY B 9 -7.35 -5.02 12.44
C GLY B 9 -7.12 -4.31 11.11
N LEU B 10 -8.19 -3.66 10.61
CA LEU B 10 -8.15 -2.89 9.37
C LEU B 10 -7.70 -3.67 8.14
N GLY B 11 -7.69 -4.99 8.27
CA GLY B 11 -7.27 -5.79 7.15
C GLY B 11 -5.80 -6.19 7.31
N SER B 12 -5.15 -5.80 8.41
CA SER B 12 -3.75 -6.22 8.56
C SER B 12 -3.74 -7.57 9.29
N ASP B 13 -2.60 -8.21 9.26
CA ASP B 13 -2.45 -9.49 9.93
C ASP B 13 -1.33 -9.45 10.97
N LEU B 14 -1.43 -10.36 11.96
CA LEU B 14 -0.43 -10.50 12.97
C LEU B 14 0.17 -11.89 12.75
N ILE B 15 1.49 -11.96 12.66
CA ILE B 15 2.21 -13.19 12.43
C ILE B 15 3.04 -13.44 13.64
N SER B 16 2.72 -14.49 14.38
CA SER B 16 3.40 -14.80 15.61
C SER B 16 4.23 -16.06 15.55
N LEU B 17 5.49 -15.89 15.90
CA LEU B 17 6.42 -17.01 15.90
C LEU B 17 6.90 -17.33 17.30
N THR B 18 7.11 -18.62 17.52
CA THR B 18 7.64 -19.10 18.77
C THR B 18 8.78 -20.00 18.40
N ASN B 19 9.96 -19.78 18.98
CA ASN B 19 11.11 -20.60 18.63
C ASN B 19 11.21 -21.81 19.56
N LYS B 20 12.16 -22.68 19.31
CA LYS B 20 12.26 -23.82 20.14
C LYS B 20 12.55 -23.45 21.59
N ALA B 21 13.17 -22.27 21.84
CA ALA B 21 13.46 -21.85 23.23
C ALA B 21 12.24 -21.28 23.96
N GLY B 22 11.13 -21.09 23.27
CA GLY B 22 9.96 -20.57 23.92
C GLY B 22 9.81 -19.07 23.78
N VAL B 23 10.77 -18.44 23.10
CA VAL B 23 10.65 -17.01 22.92
C VAL B 23 9.69 -16.73 21.80
N THR B 24 8.85 -15.71 21.97
CA THR B 24 7.87 -15.35 20.95
C THR B 24 8.08 -13.94 20.38
N ILE B 25 7.88 -13.84 19.10
CA ILE B 25 8.03 -12.57 18.46
C ILE B 25 6.91 -12.43 17.44
N SER B 26 6.40 -11.20 17.28
CA SER B 26 5.31 -11.04 16.33
C SER B 26 5.43 -9.83 15.44
N PHE B 27 4.97 -10.00 14.20
CA PHE B 27 5.03 -8.91 13.21
C PHE B 27 3.67 -8.66 12.56
N THR B 28 3.56 -7.48 11.93
CA THR B 28 2.37 -7.10 11.16
C THR B 28 2.78 -6.57 9.78
N ASN B 29 1.93 -6.82 8.80
CA ASN B 29 2.20 -6.35 7.43
C ASN B 29 1.89 -4.86 7.33
N LEU B 30 1.33 -4.30 8.40
CA LEU B 30 1.11 -2.89 8.35
C LEU B 30 2.45 -2.21 8.65
N GLY B 31 3.15 -1.79 7.60
CA GLY B 31 4.44 -1.16 7.79
C GLY B 31 5.60 -2.16 8.00
N ALA B 32 5.43 -3.44 7.58
CA ALA B 32 6.48 -4.50 7.74
C ALA B 32 7.15 -4.31 9.08
N ARG B 33 6.33 -4.47 10.11
CA ARG B 33 6.75 -4.06 11.43
C ARG B 33 6.69 -5.07 12.51
N ILE B 34 7.62 -4.88 13.44
CA ILE B 34 7.63 -5.71 14.63
C ILE B 34 6.60 -5.20 15.65
N VAL B 35 5.79 -6.13 16.20
CA VAL B 35 4.72 -5.79 17.14
C VAL B 35 5.10 -6.12 18.56
N ASP B 36 5.67 -7.29 18.74
CA ASP B 36 6.04 -7.62 20.10
C ASP B 36 7.14 -8.67 20.06
N TRP B 37 7.83 -8.76 21.19
CA TRP B 37 8.92 -9.67 21.43
C TRP B 37 8.88 -9.93 22.91
N GLN B 38 8.57 -11.18 23.26
CA GLN B 38 8.46 -11.49 24.68
C GLN B 38 9.30 -12.64 25.16
N LYS B 39 9.80 -12.49 26.40
CA LYS B 39 10.53 -13.54 27.05
C LYS B 39 9.88 -13.79 28.39
N ASP B 40 9.48 -15.01 28.62
CA ASP B 40 8.83 -15.29 29.91
C ASP B 40 7.71 -14.34 30.24
N GLY B 41 6.86 -14.04 29.27
CA GLY B 41 5.72 -13.21 29.48
C GLY B 41 6.00 -11.72 29.64
N LYS B 42 7.24 -11.31 29.46
CA LYS B 42 7.55 -9.90 29.60
C LYS B 42 7.87 -9.27 28.25
N HIS B 43 7.29 -8.10 27.96
CA HIS B 43 7.59 -7.42 26.72
C HIS B 43 8.99 -6.88 26.73
N LEU B 44 9.77 -7.12 25.68
CA LEU B 44 11.13 -6.57 25.56
C LEU B 44 11.14 -5.22 24.79
N ILE B 45 10.05 -5.00 24.03
CA ILE B 45 9.85 -3.82 23.21
C ILE B 45 8.49 -3.22 23.44
N LEU B 46 8.35 -2.04 22.85
CA LEU B 46 7.11 -1.32 22.90
C LEU B 46 6.25 -1.67 21.69
N GLY B 47 4.94 -1.78 21.91
CA GLY B 47 4.03 -2.04 20.82
C GLY B 47 2.61 -1.94 21.33
N PHE B 48 1.68 -1.93 20.39
CA PHE B 48 0.23 -1.82 20.62
C PHE B 48 -0.48 -3.14 20.39
N ASP B 49 -1.78 -3.15 20.67
CA ASP B 49 -2.50 -4.38 20.59
C ASP B 49 -3.34 -4.55 19.36
N SER B 50 -3.37 -3.55 18.51
CA SER B 50 -4.11 -3.60 17.27
C SER B 50 -3.55 -2.60 16.32
N ALA B 51 -3.89 -2.84 15.10
CA ALA B 51 -3.50 -1.99 14.02
C ALA B 51 -3.96 -0.54 14.19
N LYS B 52 -5.21 -0.38 14.55
CA LYS B 52 -5.77 0.95 14.69
C LYS B 52 -5.01 1.85 15.66
N GLU B 53 -4.38 1.23 16.65
CA GLU B 53 -3.65 1.98 17.66
C GLU B 53 -2.44 2.61 17.05
N TYR B 54 -1.85 1.87 16.15
CA TYR B 54 -0.68 2.43 15.52
C TYR B 54 -1.08 3.63 14.70
N LEU B 55 -2.19 3.48 14.00
CA LEU B 55 -2.66 4.51 13.15
C LEU B 55 -3.17 5.71 13.93
N GLU B 56 -3.66 5.47 15.11
CA GLU B 56 -4.19 6.58 15.87
C GLU B 56 -3.25 7.16 16.88
N LYS B 57 -2.33 6.32 17.43
CA LYS B 57 -1.41 6.79 18.41
C LYS B 57 -0.08 7.16 17.80
N ASP B 58 0.66 6.19 17.28
CA ASP B 58 1.94 6.54 16.74
C ASP B 58 2.25 5.45 15.76
N ALA B 59 2.40 5.87 14.54
CA ALA B 59 2.62 4.88 13.50
C ALA B 59 4.05 4.44 13.29
N TYR B 60 5.01 4.99 14.04
CA TYR B 60 6.42 4.61 13.83
C TYR B 60 6.96 3.42 14.59
N PRO B 61 6.48 3.19 15.78
CA PRO B 61 7.06 2.09 16.53
C PRO B 61 7.12 0.75 15.84
N GLY B 62 8.31 0.21 15.77
CA GLY B 62 8.56 -1.10 15.23
C GLY B 62 8.53 -1.17 13.72
N ALA B 63 8.23 -0.04 13.11
CA ALA B 63 8.09 -0.05 11.68
C ALA B 63 9.31 -0.02 10.86
N THR B 64 9.13 -0.44 9.58
CA THR B 64 10.13 -0.29 8.55
C THR B 64 9.90 1.16 8.07
N VAL B 65 10.88 2.07 8.13
CA VAL B 65 10.66 3.44 7.67
C VAL B 65 11.57 3.78 6.47
N GLY B 66 11.04 4.52 5.50
CA GLY B 66 11.79 4.86 4.32
C GLY B 66 10.93 5.62 3.35
N PRO B 67 11.41 5.76 2.12
CA PRO B 67 12.62 5.18 1.64
C PRO B 67 13.91 5.69 2.23
N THR B 68 13.86 6.85 2.80
CA THR B 68 15.00 7.41 3.47
C THR B 68 14.66 7.67 4.92
N ALA B 69 15.41 7.08 5.78
CA ALA B 69 15.16 7.30 7.20
C ALA B 69 15.78 8.60 7.72
N GLY B 70 15.05 9.32 8.54
CA GLY B 70 15.60 10.52 9.13
C GLY B 70 15.11 11.76 8.45
N ARG B 71 15.69 12.89 8.84
CA ARG B 71 15.40 14.21 8.29
C ARG B 71 16.32 14.63 7.13
N ILE B 72 15.73 15.14 6.04
CA ILE B 72 16.46 15.67 4.89
C ILE B 72 16.11 17.14 4.88
N LYS B 73 17.11 17.97 5.10
CA LYS B 73 16.92 19.43 5.20
C LYS B 73 16.22 20.00 3.97
N ASP B 74 15.08 20.68 4.17
CA ASP B 74 14.30 21.27 3.07
C ASP B 74 13.78 20.27 2.03
N GLY B 75 13.85 18.97 2.29
CA GLY B 75 13.38 17.92 1.39
C GLY B 75 14.16 17.90 0.11
N LEU B 76 15.37 18.41 0.15
CA LEU B 76 16.17 18.49 -1.04
C LEU B 76 17.27 17.46 -1.19
N VAL B 77 17.22 16.70 -2.30
CA VAL B 77 18.26 15.72 -2.59
C VAL B 77 18.73 15.97 -4.01
N LYS B 78 19.96 15.54 -4.26
CA LYS B 78 20.57 15.65 -5.56
C LYS B 78 20.79 14.27 -6.12
N ILE B 79 20.12 13.97 -7.22
CA ILE B 79 20.21 12.65 -7.85
C ILE B 79 20.74 12.74 -9.27
N SER B 80 21.96 12.24 -9.42
CA SER B 80 22.66 12.26 -10.69
C SER B 80 22.64 13.67 -11.30
N GLY B 81 23.28 14.55 -10.54
CA GLY B 81 23.38 15.93 -10.94
C GLY B 81 22.04 16.66 -10.89
N LYS B 82 20.98 15.97 -10.50
CA LYS B 82 19.69 16.64 -10.48
C LYS B 82 19.11 16.83 -9.09
N ASP B 83 18.55 18.00 -8.91
CA ASP B 83 17.92 18.39 -7.68
C ASP B 83 16.48 17.91 -7.66
N TYR B 84 16.10 17.27 -6.56
CA TYR B 84 14.73 16.79 -6.41
C TYR B 84 14.21 17.20 -5.08
N ILE B 85 13.00 17.65 -5.07
CA ILE B 85 12.37 18.01 -3.81
C ILE B 85 11.36 16.93 -3.45
N LEU B 86 11.49 16.44 -2.24
CA LEU B 86 10.63 15.41 -1.75
C LEU B 86 9.56 15.96 -0.85
N ASN B 87 8.59 15.11 -0.58
CA ASN B 87 7.49 15.53 0.27
C ASN B 87 8.02 16.08 1.57
N GLN B 88 7.56 17.23 1.95
CA GLN B 88 7.97 17.85 3.21
C GLN B 88 6.87 17.71 4.23
N ASN B 89 7.12 16.89 5.21
CA ASN B 89 6.13 16.61 6.23
C ASN B 89 6.50 17.09 7.62
N GLU B 90 7.68 17.69 7.79
CA GLU B 90 8.03 18.20 9.12
C GLU B 90 8.55 19.59 8.86
N GLY B 91 7.62 20.51 8.76
CA GLY B 91 8.04 21.85 8.38
C GLY B 91 8.60 21.72 6.96
N PRO B 92 9.73 22.35 6.62
CA PRO B 92 10.26 22.20 5.29
C PRO B 92 11.06 20.90 5.16
N GLN B 93 11.07 20.14 6.24
CA GLN B 93 11.82 18.89 6.22
C GLN B 93 10.97 17.72 5.78
N THR B 94 11.70 16.80 5.16
CA THR B 94 11.21 15.52 4.76
C THR B 94 11.71 14.55 5.85
N LEU B 95 10.76 14.09 6.68
CA LEU B 95 11.12 13.19 7.77
C LEU B 95 10.56 11.79 7.44
N HIS B 96 11.42 10.78 7.56
CA HIS B 96 11.09 9.39 7.35
C HIS B 96 10.32 9.13 6.07
N GLY B 97 10.81 9.68 4.97
CA GLY B 97 10.19 9.41 3.69
C GLY B 97 8.94 10.20 3.35
N GLY B 98 8.54 11.18 4.16
CA GLY B 98 7.35 11.97 3.80
C GLY B 98 6.08 11.51 4.49
N GLU B 99 5.00 12.20 4.21
CA GLU B 99 3.75 11.84 4.84
C GLU B 99 3.21 10.52 4.28
N GLU B 100 2.40 9.80 5.09
CA GLU B 100 1.75 8.59 4.62
C GLU B 100 2.69 7.66 3.89
N SER B 101 3.91 7.54 4.37
CA SER B 101 4.98 6.70 3.79
C SER B 101 4.74 5.22 4.05
N ILE B 102 5.78 4.45 3.77
CA ILE B 102 5.74 3.01 3.77
C ILE B 102 5.35 2.35 5.07
N HIS B 103 5.51 3.09 6.17
CA HIS B 103 5.20 2.48 7.44
C HIS B 103 3.68 2.46 7.65
N THR B 104 2.99 3.15 6.76
CA THR B 104 1.55 3.23 6.86
C THR B 104 0.81 2.31 5.89
N LYS B 105 1.54 1.60 5.03
CA LYS B 105 0.93 0.73 4.02
C LYS B 105 0.90 -0.72 4.43
N LEU B 106 -0.07 -1.45 3.84
CA LEU B 106 -0.17 -2.88 4.06
C LEU B 106 0.76 -3.51 3.05
N TRP B 107 1.78 -4.20 3.50
CA TRP B 107 2.67 -4.84 2.54
C TRP B 107 2.17 -6.29 2.30
N THR B 108 2.40 -6.85 1.13
CA THR B 108 2.05 -8.27 0.96
C THR B 108 3.20 -9.05 1.62
N TYR B 109 3.00 -10.34 1.90
CA TYR B 109 4.06 -11.12 2.53
C TYR B 109 3.89 -12.62 2.31
N GLU B 110 4.98 -13.33 2.51
CA GLU B 110 4.99 -14.77 2.41
C GLU B 110 5.92 -15.28 3.50
N VAL B 111 5.53 -16.38 4.12
CA VAL B 111 6.26 -16.95 5.22
C VAL B 111 7.03 -18.17 4.81
N THR B 112 8.31 -18.23 5.19
CA THR B 112 9.11 -19.40 4.85
C THR B 112 9.63 -20.08 6.09
N ASP B 113 9.20 -21.32 6.24
CA ASP B 113 9.59 -22.13 7.35
C ASP B 113 10.79 -23.00 7.05
N LEU B 114 11.88 -22.65 7.71
CA LEU B 114 13.12 -23.37 7.56
C LEU B 114 13.47 -24.16 8.78
N GLY B 115 12.49 -24.41 9.60
CA GLY B 115 12.78 -25.21 10.76
C GLY B 115 13.38 -24.44 11.92
N ALA B 116 14.69 -24.32 11.95
CA ALA B 116 15.33 -23.60 13.03
C ALA B 116 15.20 -22.09 12.88
N GLU B 117 14.78 -21.69 11.70
CA GLU B 117 14.57 -20.32 11.34
C GLU B 117 13.26 -20.18 10.58
N VAL B 118 12.55 -19.09 10.83
CA VAL B 118 11.32 -18.79 10.09
C VAL B 118 11.47 -17.41 9.51
N GLN B 119 11.19 -17.27 8.21
CA GLN B 119 11.31 -15.98 7.56
C GLN B 119 9.97 -15.39 7.11
N VAL B 120 9.82 -14.09 7.32
CA VAL B 120 8.61 -13.41 6.87
C VAL B 120 9.08 -12.31 5.94
N LYS B 121 8.85 -12.52 4.67
CA LYS B 121 9.24 -11.57 3.67
C LYS B 121 8.04 -10.70 3.21
N PHE B 122 8.16 -9.40 3.53
CA PHE B 122 7.16 -8.41 3.18
C PHE B 122 7.59 -7.70 1.94
N SER B 123 6.64 -7.44 1.06
CA SER B 123 6.99 -6.76 -0.19
C SER B 123 6.11 -5.55 -0.47
N LEU B 124 6.68 -4.59 -1.19
CA LEU B 124 5.92 -3.39 -1.56
C LEU B 124 6.64 -2.68 -2.64
N VAL B 125 5.88 -2.02 -3.45
CA VAL B 125 6.42 -1.26 -4.55
C VAL B 125 6.15 0.19 -4.32
N SER B 126 7.20 0.99 -4.34
CA SER B 126 7.04 2.44 -4.22
C SER B 126 6.96 2.93 -5.66
N ASN B 127 5.82 3.39 -6.10
CA ASN B 127 5.72 3.84 -7.52
C ASN B 127 6.63 4.99 -7.88
N ASP B 128 7.04 5.06 -9.14
CA ASP B 128 7.84 6.19 -9.51
C ASP B 128 7.13 7.47 -9.11
N GLY B 129 7.87 8.44 -8.53
CA GLY B 129 7.31 9.74 -8.14
C GLY B 129 6.61 9.83 -6.77
N THR B 130 6.36 8.66 -6.15
CA THR B 130 5.70 8.65 -4.85
C THR B 130 6.47 9.54 -3.88
N ASN B 131 5.77 10.57 -3.34
CA ASN B 131 6.37 11.51 -2.38
C ASN B 131 7.63 12.20 -2.91
N GLY B 132 7.77 12.21 -4.25
CA GLY B 132 8.85 12.86 -4.97
C GLY B 132 10.02 11.96 -5.32
N TYR B 133 10.02 10.72 -4.86
CA TYR B 133 11.12 9.77 -5.12
C TYR B 133 11.03 9.12 -6.51
N PRO B 134 12.12 9.20 -7.30
CA PRO B 134 12.12 8.54 -8.60
C PRO B 134 12.09 7.04 -8.35
N GLY B 135 11.43 6.28 -9.25
CA GLY B 135 11.33 4.85 -9.04
C GLY B 135 10.96 4.27 -10.36
N LYS B 136 10.16 3.20 -10.39
CA LYS B 136 9.58 2.56 -9.26
C LYS B 136 10.62 1.80 -8.47
N ILE B 137 10.35 1.61 -7.19
CA ILE B 137 11.29 0.92 -6.36
C ILE B 137 10.63 -0.34 -5.87
N GLU B 138 11.21 -1.54 -6.16
CA GLU B 138 10.60 -2.76 -5.63
C GLU B 138 11.33 -3.10 -4.34
N MET B 139 10.60 -3.08 -3.23
CA MET B 139 11.24 -3.30 -1.97
C MET B 139 10.83 -4.56 -1.26
N SER B 140 11.73 -5.03 -0.44
CA SER B 140 11.39 -6.15 0.35
C SER B 140 12.15 -6.13 1.68
N VAL B 141 11.43 -6.52 2.72
CA VAL B 141 12.00 -6.59 4.03
C VAL B 141 11.71 -7.96 4.55
N THR B 142 12.75 -8.69 4.87
CA THR B 142 12.54 -9.98 5.47
C THR B 142 12.90 -9.95 6.96
N HIS B 143 11.90 -10.30 7.81
CA HIS B 143 12.16 -10.39 9.23
C HIS B 143 12.22 -11.87 9.52
N SER B 144 13.25 -12.32 10.22
CA SER B 144 13.39 -13.72 10.57
C SER B 144 13.75 -13.87 12.03
N PHE B 145 13.36 -15.02 12.57
CA PHE B 145 13.62 -15.36 13.97
C PHE B 145 14.08 -16.81 13.98
N ASP B 146 15.10 -17.08 14.79
CA ASP B 146 15.62 -18.42 14.85
C ASP B 146 15.72 -18.96 16.27
N ASP B 147 16.13 -20.22 16.32
CA ASP B 147 16.27 -20.94 17.58
C ASP B 147 17.36 -20.40 18.50
N ASP B 148 18.24 -19.57 17.95
CA ASP B 148 19.30 -18.94 18.70
C ASP B 148 18.89 -17.56 19.18
N ASN B 149 17.59 -17.27 19.11
CA ASN B 149 17.08 -15.98 19.57
C ASN B 149 17.61 -14.77 18.81
N LYS B 150 17.84 -14.93 17.52
CA LYS B 150 18.28 -13.80 16.76
C LYS B 150 17.14 -13.36 15.89
N TRP B 151 16.83 -12.05 15.93
CA TRP B 151 15.80 -11.50 15.07
C TRP B 151 16.57 -10.72 14.01
N LYS B 152 16.46 -11.15 12.76
CA LYS B 152 17.20 -10.46 11.75
C LYS B 152 16.31 -9.79 10.73
N ILE B 153 16.75 -8.60 10.30
CA ILE B 153 16.07 -7.78 9.29
C ILE B 153 16.97 -7.67 8.07
N HIS B 154 16.44 -8.08 6.93
CA HIS B 154 17.20 -8.01 5.70
C HIS B 154 16.40 -7.22 4.66
N TYR B 155 16.99 -6.15 4.17
CA TYR B 155 16.38 -5.26 3.21
C TYR B 155 16.94 -5.49 1.84
N GLU B 156 16.07 -5.44 0.88
CA GLU B 156 16.50 -5.54 -0.53
C GLU B 156 15.64 -4.60 -1.36
N ALA B 157 16.28 -3.97 -2.32
CA ALA B 157 15.57 -3.08 -3.18
C ALA B 157 16.28 -2.93 -4.54
N ILE B 158 15.47 -2.68 -5.57
CA ILE B 158 15.90 -2.42 -6.93
C ILE B 158 14.99 -1.33 -7.51
N SER B 159 15.61 -0.29 -8.13
CA SER B 159 14.91 0.82 -8.74
C SER B 159 15.08 0.85 -10.24
N ASP B 160 14.03 1.35 -10.87
CA ASP B 160 14.00 1.48 -12.31
C ASP B 160 14.78 2.68 -12.70
N LYS B 161 14.93 3.64 -11.76
CA LYS B 161 15.59 4.91 -11.96
C LYS B 161 16.55 5.24 -10.84
N ASP B 162 17.58 6.05 -11.14
CA ASP B 162 18.53 6.48 -10.12
C ASP B 162 17.73 7.17 -9.01
N THR B 163 17.94 6.77 -7.78
CA THR B 163 17.14 7.37 -6.70
C THR B 163 17.98 7.41 -5.43
N VAL B 164 17.34 7.55 -4.27
CA VAL B 164 17.99 7.52 -2.95
C VAL B 164 17.30 6.44 -2.10
N PHE B 165 18.05 5.69 -1.30
CA PHE B 165 17.45 4.66 -0.49
C PHE B 165 18.25 4.41 0.79
N ASN B 166 17.60 4.46 1.93
CA ASN B 166 18.32 4.30 3.17
C ASN B 166 17.29 4.11 4.27
N PRO B 167 16.67 2.97 4.26
CA PRO B 167 15.62 2.72 5.24
C PRO B 167 16.18 2.24 6.58
N THR B 168 15.26 2.12 7.56
CA THR B 168 15.67 1.59 8.85
C THR B 168 14.47 0.94 9.55
N GLY B 169 14.73 0.31 10.71
CA GLY B 169 13.76 -0.38 11.56
C GLY B 169 13.67 0.44 12.79
N HIS B 170 12.42 0.79 13.10
CA HIS B 170 12.14 1.72 14.18
C HIS B 170 11.64 1.09 15.49
N VAL B 171 12.12 -0.08 15.81
CA VAL B 171 11.71 -0.66 17.08
C VAL B 171 12.21 0.19 18.27
N TYR B 172 11.45 0.09 19.38
CA TYR B 172 11.81 0.75 20.61
C TYR B 172 11.95 -0.31 21.66
N PHE B 173 13.07 -0.36 22.33
CA PHE B 173 13.21 -1.30 23.39
C PHE B 173 12.87 -0.69 24.73
N ASN B 174 12.43 -1.55 25.64
CA ASN B 174 12.17 -1.16 27.02
C ASN B 174 12.13 -2.44 27.81
N LEU B 175 13.33 -2.81 28.31
CA LEU B 175 13.50 -4.06 29.04
C LEU B 175 12.77 -4.10 30.37
N ASN B 176 12.21 -2.98 30.76
CA ASN B 176 11.41 -2.99 31.98
C ASN B 176 10.08 -3.69 31.69
N GLY B 177 9.75 -3.80 30.39
CA GLY B 177 8.51 -4.42 29.96
C GLY B 177 7.28 -3.56 30.27
N ASP B 178 7.53 -2.28 30.67
CA ASP B 178 6.50 -1.33 31.05
C ASP B 178 6.88 0.06 30.55
N ALA B 179 6.01 0.65 29.70
CA ALA B 179 6.26 1.93 29.09
C ALA B 179 6.34 3.03 30.11
N SER B 180 5.72 2.77 31.23
CA SER B 180 5.67 3.78 32.27
C SER B 180 6.95 3.79 33.08
N GLU B 181 7.87 2.90 32.73
CA GLU B 181 9.16 2.83 33.38
C GLU B 181 10.25 3.29 32.43
N SER B 182 11.05 4.23 32.93
CA SER B 182 12.16 4.81 32.19
C SER B 182 13.29 3.83 31.98
N VAL B 183 13.96 3.95 30.84
CA VAL B 183 15.09 3.08 30.54
C VAL B 183 16.38 3.64 31.15
N GLU B 184 16.29 4.68 32.00
CA GLU B 184 17.49 5.24 32.59
C GLU B 184 18.22 4.19 33.40
N ASN B 185 17.51 3.14 33.76
CA ASN B 185 18.11 2.06 34.53
C ASN B 185 18.74 0.97 33.68
N HIS B 186 18.77 1.14 32.36
CA HIS B 186 19.38 0.14 31.55
C HIS B 186 20.84 0.48 31.37
N GLY B 187 21.65 -0.53 31.07
CA GLY B 187 23.05 -0.30 30.83
C GLY B 187 23.24 -0.25 29.32
N LEU B 188 24.08 0.64 28.85
CA LEU B 188 24.33 0.73 27.42
C LEU B 188 25.84 0.72 27.09
N ARG B 189 26.22 -0.08 26.10
CA ARG B 189 27.60 -0.17 25.61
C ARG B 189 27.44 0.07 24.11
N LEU B 190 28.23 0.99 23.57
CA LEU B 190 28.15 1.39 22.18
C LEU B 190 29.53 1.74 21.62
N ALA B 191 29.87 1.01 20.55
CA ALA B 191 31.16 1.16 19.87
C ALA B 191 31.29 2.36 18.95
N ALA B 192 31.11 3.54 19.52
CA ALA B 192 31.16 4.76 18.77
C ALA B 192 31.87 5.89 19.52
N SER B 193 32.83 6.53 18.81
CA SER B 193 33.64 7.62 19.33
C SER B 193 33.19 9.00 18.90
N ARG B 194 32.26 9.03 17.95
CA ARG B 194 31.79 10.29 17.44
C ARG B 194 30.33 10.33 17.23
N PHE B 195 29.83 11.55 17.17
CA PHE B 195 28.42 11.80 16.92
C PHE B 195 28.19 13.02 16.04
N VAL B 196 26.93 13.15 15.64
CA VAL B 196 26.50 14.21 14.76
C VAL B 196 25.51 15.11 15.50
N PRO B 197 26.00 16.32 15.85
CA PRO B 197 25.18 17.26 16.56
C PRO B 197 24.15 17.85 15.59
N LEU B 198 23.02 18.25 16.15
CA LEU B 198 21.92 18.83 15.43
C LEU B 198 22.02 20.34 15.54
N LYS B 199 21.58 21.01 14.50
CA LYS B 199 21.63 22.45 14.49
C LYS B 199 20.80 23.13 15.54
N ASP B 200 19.55 22.72 15.66
CA ASP B 200 18.62 23.31 16.58
C ASP B 200 17.41 22.40 16.72
N GLN B 201 16.33 22.98 17.26
CA GLN B 201 15.09 22.28 17.49
C GLN B 201 14.45 21.66 16.25
N THR B 202 14.89 22.08 15.06
CA THR B 202 14.35 21.51 13.86
C THR B 202 14.98 20.17 13.63
N GLU B 203 16.10 20.00 14.29
CA GLU B 203 16.76 18.72 14.24
C GLU B 203 17.52 18.34 12.99
N ILE B 204 17.82 19.33 12.15
CA ILE B 204 18.65 19.06 10.99
C ILE B 204 20.08 19.05 11.54
N VAL B 205 20.99 18.43 10.81
CA VAL B 205 22.35 18.34 11.27
C VAL B 205 23.07 19.66 11.34
N ARG B 206 23.90 19.79 12.36
CA ARG B 206 24.60 21.01 12.51
C ARG B 206 25.57 21.30 11.37
N GLY B 207 26.29 20.28 10.93
CA GLY B 207 27.26 20.38 9.83
C GLY B 207 28.63 19.78 10.16
N ASP B 208 28.87 19.56 11.46
CA ASP B 208 30.13 18.98 11.92
C ASP B 208 29.96 17.63 12.63
N ILE B 209 31.07 16.96 12.82
CA ILE B 209 31.12 15.68 13.50
C ILE B 209 31.96 15.90 14.73
N VAL B 210 31.47 15.54 15.88
CA VAL B 210 32.16 15.77 17.10
C VAL B 210 32.53 14.48 17.79
N ASP B 211 33.76 14.49 18.39
CA ASP B 211 34.32 13.41 19.22
C ASP B 211 33.67 13.44 20.64
N ILE B 212 33.14 12.30 21.11
CA ILE B 212 32.44 12.28 22.40
C ILE B 212 33.12 11.54 23.49
N LYS B 213 34.34 11.14 23.19
CA LYS B 213 35.12 10.40 24.16
C LYS B 213 35.18 11.11 25.49
N ASN B 214 34.90 10.36 26.54
CA ASN B 214 34.99 10.94 27.86
C ASN B 214 33.97 12.00 28.22
N THR B 215 32.86 12.08 27.49
CA THR B 215 31.80 13.00 27.82
C THR B 215 30.70 12.11 28.33
N ASP B 216 29.57 12.70 28.69
CA ASP B 216 28.44 11.90 29.15
C ASP B 216 27.83 11.04 28.02
N LEU B 217 28.19 11.27 26.73
CA LEU B 217 27.65 10.45 25.62
C LEU B 217 28.60 9.34 25.21
N ASP B 218 29.67 9.16 25.96
CA ASP B 218 30.63 8.11 25.66
C ASP B 218 30.21 6.78 26.30
N PHE B 219 29.74 5.82 25.50
CA PHE B 219 29.31 4.55 26.05
C PHE B 219 30.15 3.37 25.60
N ARG B 220 31.39 3.68 25.16
CA ARG B 220 32.29 2.64 24.71
C ARG B 220 32.40 1.55 25.74
N GLN B 221 32.45 1.99 26.98
CA GLN B 221 32.45 1.11 28.17
C GLN B 221 31.07 1.28 28.78
N GLU B 222 30.43 0.16 29.05
CA GLU B 222 29.08 0.17 29.57
C GLU B 222 28.84 1.14 30.68
N LYS B 223 27.75 1.91 30.55
CA LYS B 223 27.32 2.82 31.59
C LYS B 223 25.80 2.96 31.63
N GLN B 224 25.24 3.35 32.79
CA GLN B 224 23.79 3.49 32.87
C GLN B 224 23.29 4.64 31.98
N LEU B 225 22.07 4.49 31.46
CA LEU B 225 21.55 5.53 30.58
C LEU B 225 21.28 6.80 31.33
N SER B 226 21.06 6.70 32.65
CA SER B 226 20.83 7.89 33.45
C SER B 226 21.94 8.92 33.30
N ASN B 227 23.16 8.45 33.00
CA ASN B 227 24.32 9.35 32.85
C ASN B 227 24.10 10.31 31.73
N ALA B 228 23.48 9.81 30.65
CA ALA B 228 23.17 10.67 29.51
C ALA B 228 21.99 11.62 29.83
N PHE B 229 20.92 11.04 30.38
CA PHE B 229 19.70 11.76 30.69
C PHE B 229 19.92 12.87 31.66
N ASN B 230 20.88 12.65 32.53
CA ASN B 230 21.13 13.67 33.52
C ASN B 230 22.12 14.69 33.03
N SER B 231 22.70 14.43 31.88
CA SER B 231 23.67 15.37 31.37
C SER B 231 23.11 16.77 30.99
N ASN B 232 23.90 17.83 31.21
CA ASN B 232 23.51 19.19 30.80
C ASN B 232 24.28 19.65 29.57
N MET B 233 24.87 18.67 28.89
CA MET B 233 25.55 18.95 27.65
C MET B 233 24.49 19.58 26.75
N GLU B 234 24.93 20.61 26.01
CA GLU B 234 24.06 21.33 25.13
C GLU B 234 23.20 20.42 24.25
N GLN B 235 23.83 19.41 23.71
CA GLN B 235 23.12 18.54 22.80
C GLN B 235 22.03 17.73 23.45
N VAL B 236 22.27 17.35 24.69
CA VAL B 236 21.30 16.60 25.43
C VAL B 236 20.14 17.51 25.79
N GLN B 237 20.51 18.69 26.24
CA GLN B 237 19.48 19.63 26.60
C GLN B 237 18.67 20.05 25.39
N LEU B 238 19.29 20.12 24.23
CA LEU B 238 18.55 20.54 23.09
C LEU B 238 17.35 19.63 22.78
N VAL B 239 17.58 18.33 22.92
CA VAL B 239 16.54 17.35 22.60
C VAL B 239 15.88 16.71 23.78
N LYS B 240 16.38 17.04 24.96
CA LYS B 240 15.85 16.48 26.22
C LYS B 240 16.06 14.96 26.32
N GLY B 241 17.26 14.55 25.98
CA GLY B 241 17.64 13.13 26.01
C GLY B 241 18.58 12.92 24.82
N ILE B 242 18.44 11.77 24.13
CA ILE B 242 19.25 11.49 22.98
C ILE B 242 18.36 11.38 21.76
N ASP B 243 18.85 11.87 20.61
CA ASP B 243 18.14 11.81 19.35
C ASP B 243 19.16 12.09 18.27
N HIS B 244 20.21 11.26 18.27
CA HIS B 244 21.36 11.48 17.41
C HIS B 244 21.93 10.27 16.80
N PRO B 245 22.63 10.53 15.71
CA PRO B 245 23.36 9.52 15.00
C PRO B 245 24.74 9.40 15.63
N PHE B 246 25.12 8.18 15.88
CA PHE B 246 26.41 7.83 16.45
C PHE B 246 27.16 7.14 15.33
N LEU B 247 28.42 7.56 15.03
CA LEU B 247 29.16 6.93 13.95
C LEU B 247 29.93 5.73 14.48
N LEU B 248 29.70 4.53 13.96
CA LEU B 248 30.39 3.36 14.50
C LEU B 248 31.88 3.42 14.21
N ASP B 249 32.66 3.01 15.17
CA ASP B 249 34.11 3.08 14.97
C ASP B 249 34.63 2.02 14.03
N GLN B 250 34.11 0.81 14.14
CA GLN B 250 34.54 -0.29 13.30
C GLN B 250 33.33 -0.92 12.62
N LEU B 251 33.36 -0.94 11.30
CA LEU B 251 32.27 -1.49 10.50
C LEU B 251 32.32 -2.98 10.27
N GLY B 252 31.13 -3.55 10.03
CA GLY B 252 31.05 -4.99 9.77
C GLY B 252 30.00 -5.64 10.61
N LEU B 253 29.36 -6.61 9.99
CA LEU B 253 28.27 -7.31 10.60
C LEU B 253 28.65 -8.26 11.71
N ASP B 254 29.95 -8.58 11.72
CA ASP B 254 30.52 -9.51 12.67
C ASP B 254 30.71 -8.95 14.06
N LYS B 255 30.80 -7.64 14.16
CA LYS B 255 31.06 -6.98 15.42
C LYS B 255 29.82 -6.55 16.22
N GLU B 256 29.86 -6.73 17.53
CA GLU B 256 28.77 -6.32 18.39
C GLU B 256 28.87 -4.81 18.52
N GLN B 257 27.99 -4.10 17.87
CA GLN B 257 28.10 -2.67 17.91
C GLN B 257 27.51 -1.99 19.12
N ALA B 258 26.41 -2.58 19.58
CA ALA B 258 25.73 -2.08 20.76
C ALA B 258 25.16 -3.21 21.63
N ARG B 259 25.05 -2.90 22.89
CA ARG B 259 24.49 -3.90 23.80
C ARG B 259 23.66 -3.16 24.85
N LEU B 260 22.40 -3.54 25.01
CA LEU B 260 21.51 -2.89 25.99
C LEU B 260 21.17 -3.96 27.03
N THR B 261 21.38 -3.64 28.35
CA THR B 261 21.19 -4.64 29.41
C THR B 261 20.42 -4.11 30.56
N LEU B 262 19.63 -5.01 31.11
CA LEU B 262 18.86 -4.79 32.30
C LEU B 262 18.85 -6.09 33.09
N ASP B 263 19.47 -6.06 34.26
CA ASP B 263 19.52 -7.28 35.02
C ASP B 263 20.15 -8.46 34.24
N ASP B 264 19.38 -9.54 34.09
CA ASP B 264 19.90 -10.72 33.41
C ASP B 264 19.67 -10.80 31.91
N THR B 265 19.05 -9.74 31.36
CA THR B 265 18.71 -9.68 29.94
C THR B 265 19.50 -8.65 29.17
N SER B 266 19.98 -9.08 28.01
CA SER B 266 20.70 -8.21 27.11
C SER B 266 20.22 -8.31 25.68
N ILE B 267 20.29 -7.20 24.98
CA ILE B 267 19.98 -7.20 23.56
C ILE B 267 21.24 -6.72 22.86
N SER B 268 21.76 -7.50 21.92
CA SER B 268 22.95 -7.12 21.18
C SER B 268 22.56 -6.69 19.77
N VAL B 269 23.29 -5.70 19.29
CA VAL B 269 23.01 -5.15 17.99
C VAL B 269 24.17 -5.32 17.02
N PHE B 270 23.86 -5.93 15.88
CA PHE B 270 24.83 -6.13 14.80
C PHE B 270 24.28 -5.50 13.54
N THR B 271 25.14 -5.00 12.66
CA THR B 271 24.60 -4.44 11.43
C THR B 271 25.72 -4.18 10.45
N ASP B 272 25.34 -4.03 9.21
CA ASP B 272 26.33 -3.74 8.21
C ASP B 272 26.36 -2.26 7.83
N GLN B 273 25.55 -1.49 8.54
CA GLN B 273 25.41 -0.05 8.34
C GLN B 273 26.48 0.72 9.12
N PRO B 274 26.74 1.96 8.75
CA PRO B 274 27.80 2.77 9.34
C PRO B 274 27.45 3.55 10.59
N SER B 275 26.16 3.73 10.84
CA SER B 275 25.76 4.47 12.03
C SER B 275 24.47 3.93 12.64
N ILE B 276 24.25 4.36 13.90
CA ILE B 276 23.07 4.03 14.67
C ILE B 276 22.48 5.32 15.22
N VAL B 277 21.24 5.56 14.82
CA VAL B 277 20.56 6.74 15.31
C VAL B 277 19.83 6.31 16.56
N ILE B 278 20.11 6.98 17.67
CA ILE B 278 19.48 6.61 18.95
C ILE B 278 18.53 7.69 19.39
N PHE B 279 17.26 7.31 19.63
CA PHE B 279 16.26 8.25 20.09
C PHE B 279 15.69 7.62 21.33
N THR B 280 15.69 8.36 22.41
CA THR B 280 15.20 7.88 23.69
C THR B 280 13.81 8.34 24.09
N ALA B 281 12.87 8.37 23.15
CA ALA B 281 11.48 8.68 23.52
C ALA B 281 11.35 9.90 24.45
N ASN B 282 11.88 10.99 23.97
CA ASN B 282 11.92 12.26 24.69
C ASN B 282 10.57 12.91 24.56
N PHE B 283 9.51 12.20 24.90
CA PHE B 283 8.20 12.77 24.71
C PHE B 283 7.63 13.59 25.84
N GLY B 284 8.39 13.82 26.85
CA GLY B 284 7.82 14.58 27.91
C GLY B 284 6.61 13.85 28.48
N ASP B 285 5.60 14.63 28.73
CA ASP B 285 4.37 14.17 29.32
C ASP B 285 3.26 13.74 28.33
N LEU B 286 3.61 13.62 27.03
CA LEU B 286 2.69 13.19 26.01
C LEU B 286 1.84 12.02 26.53
N GLY B 287 2.51 11.07 27.17
CA GLY B 287 1.84 9.93 27.78
C GLY B 287 1.07 8.98 26.85
N THR B 288 1.65 8.60 25.73
CA THR B 288 1.01 7.64 24.85
C THR B 288 0.80 6.32 25.62
N LEU B 289 -0.41 5.77 25.53
CA LEU B 289 -0.73 4.55 26.22
C LEU B 289 -0.28 3.28 25.49
N TYR B 290 0.52 2.46 26.17
CA TYR B 290 1.00 1.20 25.65
C TYR B 290 0.47 0.15 26.57
N HIS B 291 -0.47 -0.63 26.10
CA HIS B 291 -1.01 -1.65 27.00
C HIS B 291 -1.54 -1.04 28.31
N GLU B 292 -2.26 0.06 28.14
CA GLU B 292 -2.89 0.75 29.23
C GLU B 292 -1.93 1.41 30.21
N LYS B 293 -0.62 1.43 29.86
CA LYS B 293 0.37 2.08 30.70
C LYS B 293 0.71 3.37 30.03
N LYS B 294 0.76 4.45 30.77
CA LYS B 294 1.07 5.73 30.17
C LYS B 294 2.58 5.80 29.99
N GLN B 295 3.03 6.03 28.76
CA GLN B 295 4.46 6.08 28.56
C GLN B 295 5.11 7.30 29.17
N VAL B 296 6.26 7.07 29.82
CA VAL B 296 7.02 8.18 30.45
C VAL B 296 8.10 8.71 29.54
N HIS B 297 8.52 9.95 29.82
CA HIS B 297 9.61 10.53 29.09
C HIS B 297 10.78 9.54 29.25
N HIS B 298 11.44 9.22 28.16
CA HIS B 298 12.54 8.25 28.26
C HIS B 298 12.03 6.84 28.47
N GLY B 299 10.76 6.62 28.18
CA GLY B 299 10.24 5.28 28.34
C GLY B 299 10.50 4.34 27.16
N GLY B 300 11.64 4.48 26.48
CA GLY B 300 11.96 3.62 25.33
C GLY B 300 13.26 4.12 24.66
N ILE B 301 13.90 3.27 23.88
CA ILE B 301 15.12 3.62 23.15
C ILE B 301 15.16 2.82 21.82
N THR B 302 15.49 3.52 20.74
CA THR B 302 15.61 2.89 19.42
C THR B 302 17.10 2.70 19.11
N PHE B 303 17.40 1.82 18.12
CA PHE B 303 18.74 1.65 17.58
C PHE B 303 18.51 1.59 16.07
N GLU B 304 18.34 2.74 15.44
CA GLU B 304 18.06 2.77 14.02
C GLU B 304 19.36 2.72 13.25
N CYS B 305 19.67 1.55 12.71
CA CYS B 305 20.90 1.37 11.99
C CYS B 305 20.65 1.79 10.56
N GLN B 306 21.50 2.69 10.05
CA GLN B 306 21.34 3.21 8.68
C GLN B 306 22.54 4.05 8.32
N VAL B 307 22.54 4.62 7.12
CA VAL B 307 23.59 5.55 6.82
C VAL B 307 23.11 6.80 7.60
N SER B 308 24.02 7.51 8.26
CA SER B 308 23.57 8.67 9.04
C SER B 308 22.84 9.73 8.22
N PRO B 309 21.80 10.30 8.85
CA PRO B 309 21.09 11.42 8.25
C PRO B 309 22.09 12.64 8.14
N GLY B 310 21.86 13.59 7.19
CA GLY B 310 22.69 14.75 7.03
C GLY B 310 23.75 14.58 5.96
N SER B 311 23.81 13.41 5.28
CA SER B 311 24.84 13.22 4.26
C SER B 311 24.71 14.26 3.18
N GLU B 312 23.51 14.87 3.12
CA GLU B 312 23.27 15.92 2.13
C GLU B 312 24.23 17.09 2.42
N GLN B 313 24.41 17.38 3.71
CA GLN B 313 25.27 18.45 4.13
C GLN B 313 26.67 17.95 4.47
N ILE B 314 26.77 16.74 4.96
CA ILE B 314 28.06 16.16 5.36
C ILE B 314 28.39 14.88 4.57
N PRO B 315 28.87 15.14 3.38
CA PRO B 315 29.24 14.09 2.43
C PRO B 315 30.08 12.96 3.03
N GLU B 316 30.83 13.28 4.09
CA GLU B 316 31.70 12.35 4.76
C GLU B 316 30.91 11.19 5.38
N LEU B 317 29.64 11.48 5.72
CA LEU B 317 28.71 10.50 6.30
C LEU B 317 28.38 9.31 5.43
N GLY B 318 28.45 9.52 4.12
CA GLY B 318 28.15 8.48 3.17
C GLY B 318 27.39 9.00 1.95
N ASP B 319 26.88 8.07 1.17
CA ASP B 319 26.15 8.34 -0.04
C ASP B 319 24.98 7.35 -0.16
N ILE B 320 23.75 7.89 -0.16
CA ILE B 320 22.61 7.00 -0.17
C ILE B 320 21.97 6.87 -1.51
N SER B 321 22.72 7.26 -2.49
CA SER B 321 22.16 7.15 -3.78
C SER B 321 22.08 5.68 -4.18
N LEU B 322 21.11 5.37 -5.05
CA LEU B 322 20.93 4.02 -5.53
C LEU B 322 20.76 4.06 -7.05
N LYS B 323 21.68 3.42 -7.79
CA LYS B 323 21.55 3.50 -9.22
C LYS B 323 20.57 2.53 -9.75
N ALA B 324 20.03 2.98 -10.87
CA ALA B 324 19.09 2.17 -11.55
C ALA B 324 19.63 0.78 -11.78
N GLY B 325 18.84 -0.22 -11.46
CA GLY B 325 19.26 -1.59 -11.68
C GLY B 325 20.17 -2.19 -10.61
N GLU B 326 20.71 -1.32 -9.76
CA GLU B 326 21.62 -1.79 -8.73
C GLU B 326 20.83 -2.31 -7.52
N LYS B 327 21.24 -3.49 -7.01
CA LYS B 327 20.57 -4.10 -5.88
C LYS B 327 21.02 -3.59 -4.52
N TYR B 328 20.07 -3.01 -3.78
CA TYR B 328 20.40 -2.56 -2.43
C TYR B 328 20.19 -3.71 -1.48
N GLN B 329 21.05 -3.80 -0.47
CA GLN B 329 20.95 -4.78 0.58
C GLN B 329 21.45 -4.19 1.88
N ALA B 330 20.80 -4.53 2.96
CA ALA B 330 21.19 -4.08 4.29
C ALA B 330 20.77 -5.14 5.24
N THR B 331 21.52 -5.31 6.33
CA THR B 331 21.22 -6.32 7.30
C THR B 331 21.51 -5.82 8.70
N THR B 332 20.53 -6.00 9.54
CA THR B 332 20.61 -5.60 10.91
C THR B 332 20.09 -6.78 11.75
N ILE B 333 20.77 -7.06 12.87
CA ILE B 333 20.42 -8.11 13.76
C ILE B 333 20.40 -7.68 15.22
N TYR B 334 19.35 -8.14 15.86
CA TYR B 334 19.11 -7.90 17.27
C TYR B 334 19.08 -9.27 17.90
N SER B 335 20.04 -9.53 18.80
CA SER B 335 20.06 -10.82 19.44
C SER B 335 19.84 -10.68 20.94
N LEU B 336 19.05 -11.61 21.43
CA LEU B 336 18.70 -11.70 22.81
C LEU B 336 19.54 -12.73 23.53
N HIS B 337 20.00 -12.33 24.71
CA HIS B 337 20.82 -13.15 25.60
C HIS B 337 20.42 -13.02 27.06
N THR B 338 20.75 -14.06 27.83
CA THR B 338 20.49 -14.05 29.24
C THR B 338 21.79 -14.29 29.97
N LYS B 339 22.00 -13.52 31.05
CA LYS B 339 23.16 -13.62 31.88
C LYS B 339 24.48 -13.45 31.14
N LEU B 340 24.47 -12.56 30.18
CA LEU B 340 25.67 -12.26 29.41
C LEU B 340 26.75 -11.56 30.27
N GLU B 341 26.29 -10.89 31.33
CA GLU B 341 27.15 -10.15 32.21
C GLU B 341 26.43 -9.90 33.51
N HIS B 342 27.12 -9.24 34.41
CA HIS B 342 26.56 -8.97 35.73
C HIS B 342 26.05 -7.56 35.73
N HIS B 343 24.76 -7.37 35.78
CA HIS B 343 24.20 -6.05 35.79
C HIS B 343 23.22 -5.93 36.93
N HIS B 344 23.71 -5.48 38.07
CA HIS B 344 22.90 -5.37 39.25
C HIS B 344 22.95 -3.99 39.81
N HIS B 345 22.01 -3.15 39.42
CA HIS B 345 21.99 -1.76 39.85
C HIS B 345 20.69 -1.35 40.48
N HIS B 346 20.68 -0.14 40.98
CA HIS B 346 19.47 0.40 41.53
C HIS B 346 19.37 1.86 41.19
N HIS B 347 18.12 2.24 40.98
CA HIS B 347 17.82 3.60 40.59
C HIS B 347 16.96 4.26 41.62
C1 ARB C . -10.68 -2.01 -20.54
C2 ARB C . -9.96 -1.67 -21.86
C3 ARB C . -9.64 -2.95 -22.60
C4 ARB C . -8.77 -3.83 -21.73
C5 ARB C . -9.41 -4.08 -20.35
O1 ARB C . -11.95 -2.60 -20.77
O1 ARB C . -11.01 -0.81 -19.84
O2 ARB C . -10.72 -0.82 -22.75
O3 ARB C . -8.93 -2.67 -23.81
O4 ARB C . -7.44 -3.38 -21.60
O5 ARB C . -9.86 -2.87 -19.71
NA NA D . -5.77 -11.08 6.68
C1 ARB E . 13.72 9.32 14.79
C2 ARB E . 13.85 10.79 14.98
C3 ARB E . 13.10 11.24 16.21
C4 ARB E . 11.60 10.93 16.07
C5 ARB E . 11.48 9.43 15.95
O1 ARB E . 14.56 8.59 15.69
O2 ARB E . 15.24 11.17 15.08
O3 ARB E . 13.23 12.64 16.38
O4 ARB E . 11.00 11.49 14.91
O5 ARB E . 12.32 8.93 14.88
#